data_4YWG
#
_entry.id   4YWG
#
_cell.length_a   64.725
_cell.length_b   159.168
_cell.length_c   170.358
_cell.angle_alpha   90.00
_cell.angle_beta   90.00
_cell.angle_gamma   90.00
#
_symmetry.space_group_name_H-M   'P 21 21 21'
#
loop_
_entity.id
_entity.type
_entity.pdbx_description
1 polymer 'Light chain of anti-HIV-1 gp120 V1V2 antibody 830A'
2 polymer 'Heavy chain of anti-HIV-1 gp120 V1V2 antibody 830A'
3 polymer 'Scaffold HIV-1 gp120 V1V2 region derived from strain ZM109'
4 non-polymer 2-acetamido-2-deoxy-beta-D-glucopyranose
#
loop_
_entity_poly.entity_id
_entity_poly.type
_entity_poly.pdbx_seq_one_letter_code
_entity_poly.pdbx_strand_id
1 'polypeptide(L)'
;DTVMTQSPATLSVSPGERVTLSCRASQIINTNLAWYQKRPGQAPRLLIYAASARATGIPARFSGSGSGTEFTLTISGLQS
EDSAVYYCQQYKHWPPYTFGRGTKLEIRRTVAAPSVFIFPPSDEQLKSGTASVVCLLNNFYPREAKVQWKVDNALQSGNS
QESVTEQDSKDSTYSLSSTLTLSKADYEKHKVYACEVTHQGLSSPVTKSFNRGECS
;
L,M
2 'polypeptide(L)'
;QVQLQQWGPGLLKPSETLSLTCAVYGGSFGRYYWSWIRQSSGEGLEWLGQIDHTGSTTYNPSLKGRVTISIDSSTNQFSL
KVTSVIAADTAVYYCARAPSGYPGVSLYQYYGLDVWGQGTTVTVSSASTKGPSVFPLAPSSKSTSGGTAALGCLVKDYFP
EPVTVSWNSGALTSGVHTFPAVLQSSGLYSLSSVVTVPSSSLGTQTYICNVNHKPSNTKVDKKVEP
;
H,I
3 'polypeptide(L)'
;MTTFKLAACVTLNCTSPAAHNESETRVKHCSFNITTDVKDRKQKVNATFYDLDIVPLSSSDNSSNSSLYRLISCQTTTTE
AVDAATAAKVFKQYANDNGIDGEWTYDDATKTFTVTEGLEVLFQ
;
G,Q
#
loop_
_chem_comp.id
_chem_comp.type
_chem_comp.name
_chem_comp.formula
NAG D-saccharide, beta linking 2-acetamido-2-deoxy-beta-D-glucopyranose 'C8 H15 N O6'
#
# COMPACT_ATOMS: atom_id res chain seq x y z
N ASP A 1 -8.53 -32.32 -24.62
CA ASP A 1 -7.56 -31.45 -23.99
C ASP A 1 -6.70 -30.77 -25.05
N THR A 2 -6.93 -29.49 -25.29
CA THR A 2 -6.15 -28.79 -26.30
C THR A 2 -4.78 -28.43 -25.74
N VAL A 3 -3.75 -28.57 -26.56
CA VAL A 3 -2.38 -28.28 -26.14
C VAL A 3 -1.82 -27.08 -26.86
N MET A 4 -1.48 -26.04 -26.13
CA MET A 4 -1.00 -24.82 -26.77
C MET A 4 0.50 -24.84 -26.93
N THR A 5 0.98 -24.43 -28.11
CA THR A 5 2.39 -24.58 -28.44
C THR A 5 3.01 -23.34 -29.06
N GLN A 6 3.53 -22.45 -28.22
CA GLN A 6 4.25 -21.30 -28.75
C GLN A 6 5.60 -21.79 -29.26
N SER A 7 6.25 -21.02 -30.13
CA SER A 7 7.43 -21.55 -30.83
C SER A 7 8.77 -20.82 -30.55
N PRO A 8 8.81 -19.47 -30.61
CA PRO A 8 10.14 -18.85 -30.52
C PRO A 8 10.84 -18.99 -29.14
N ALA A 9 10.11 -19.37 -28.09
CA ALA A 9 10.67 -19.48 -26.73
C ALA A 9 11.32 -18.16 -26.27
N THR A 10 12.46 -17.84 -26.87
CA THR A 10 13.16 -16.60 -26.56
C THR A 10 13.32 -15.69 -27.78
N LEU A 11 13.28 -14.39 -27.53
CA LEU A 11 13.56 -13.37 -28.54
C LEU A 11 14.03 -12.12 -27.82
N SER A 12 15.34 -11.90 -27.83
CA SER A 12 15.92 -10.74 -27.16
C SER A 12 16.16 -9.65 -28.21
N VAL A 13 15.36 -9.73 -29.27
CA VAL A 13 15.56 -8.95 -30.49
C VAL A 13 15.40 -7.43 -30.28
N SER A 14 16.05 -6.67 -31.16
CA SER A 14 16.25 -5.23 -31.01
C SER A 14 14.98 -4.36 -31.11
N PRO A 15 14.95 -3.20 -30.41
CA PRO A 15 13.75 -2.34 -30.36
C PRO A 15 13.36 -1.76 -31.71
N GLY A 16 12.19 -1.11 -31.72
CA GLY A 16 11.67 -0.51 -32.93
C GLY A 16 11.20 -1.52 -33.94
N GLU A 17 11.76 -2.73 -33.90
CA GLU A 17 11.49 -3.74 -34.90
C GLU A 17 10.08 -4.33 -34.81
N ARG A 18 9.72 -5.06 -35.86
CA ARG A 18 8.48 -5.82 -35.92
C ARG A 18 8.77 -7.26 -35.47
N VAL A 19 7.98 -7.75 -34.51
CA VAL A 19 8.15 -9.12 -34.02
C VAL A 19 6.87 -9.91 -34.23
N THR A 20 7.02 -11.20 -34.53
CA THR A 20 5.88 -12.07 -34.75
C THR A 20 5.94 -13.26 -33.80
N LEU A 21 5.11 -13.21 -32.77
CA LEU A 21 5.01 -14.30 -31.82
C LEU A 21 3.93 -15.29 -32.24
N SER A 22 4.27 -16.57 -32.31
CA SER A 22 3.30 -17.59 -32.73
C SER A 22 2.66 -18.30 -31.55
N CYS A 23 1.61 -19.06 -31.86
CA CYS A 23 0.89 -19.89 -30.90
C CYS A 23 0.14 -20.91 -31.73
N ARG A 24 0.10 -22.16 -31.30
CA ARG A 24 -0.50 -23.17 -32.16
C ARG A 24 -1.35 -24.16 -31.42
N ALA A 25 -2.65 -24.07 -31.62
CA ALA A 25 -3.54 -25.00 -30.96
C ALA A 25 -3.45 -26.34 -31.63
N SER A 26 -3.37 -27.38 -30.81
CA SER A 26 -3.34 -28.73 -31.30
C SER A 26 -4.70 -29.12 -31.84
N GLN A 27 -5.71 -28.33 -31.54
CA GLN A 27 -7.05 -28.60 -32.05
C GLN A 27 -7.62 -27.32 -32.62
N ILE A 28 -8.76 -27.40 -33.31
CA ILE A 28 -9.42 -26.19 -33.79
C ILE A 28 -10.10 -25.47 -32.63
N ILE A 29 -9.73 -24.23 -32.38
CA ILE A 29 -10.36 -23.52 -31.29
C ILE A 29 -11.11 -22.28 -31.72
N ASN A 30 -11.65 -22.26 -32.93
CA ASN A 30 -12.32 -21.07 -33.45
C ASN A 30 -11.46 -19.82 -33.21
N THR A 31 -12.00 -18.84 -32.49
CA THR A 31 -11.24 -17.65 -32.14
C THR A 31 -11.18 -17.42 -30.63
N ASN A 32 -11.28 -18.50 -29.86
CA ASN A 32 -11.16 -18.44 -28.39
C ASN A 32 -9.69 -18.55 -27.99
N LEU A 33 -9.01 -17.43 -28.04
CA LEU A 33 -7.60 -17.38 -27.81
C LEU A 33 -7.38 -16.05 -27.17
N ALA A 34 -6.75 -16.02 -26.00
CA ALA A 34 -6.35 -14.75 -25.41
C ALA A 34 -4.84 -14.71 -25.27
N TRP A 35 -4.29 -13.51 -25.15
CA TRP A 35 -2.85 -13.33 -25.02
C TRP A 35 -2.58 -12.59 -23.75
N TYR A 36 -1.67 -13.14 -22.94
CA TYR A 36 -1.26 -12.46 -21.72
C TYR A 36 0.19 -12.05 -21.78
N GLN A 37 0.45 -10.87 -21.22
CA GLN A 37 1.80 -10.39 -20.94
C GLN A 37 2.15 -10.52 -19.48
N LYS A 38 3.33 -11.08 -19.19
CA LYS A 38 3.81 -11.19 -17.80
C LYS A 38 5.05 -10.35 -17.48
N ARG A 39 4.84 -9.22 -16.81
CA ARG A 39 5.95 -8.37 -16.31
C ARG A 39 6.69 -9.04 -15.10
N PRO A 40 7.85 -8.48 -14.68
CA PRO A 40 8.67 -8.98 -13.55
C PRO A 40 7.97 -9.23 -12.21
N GLY A 41 7.80 -8.18 -11.41
CA GLY A 41 7.17 -8.31 -10.12
C GLY A 41 5.68 -8.08 -10.25
N GLN A 42 5.11 -8.70 -11.27
CA GLN A 42 3.72 -8.49 -11.68
C GLN A 42 3.05 -9.80 -12.10
N ALA A 43 1.73 -9.85 -11.91
CA ALA A 43 0.91 -10.98 -12.38
C ALA A 43 0.62 -10.84 -13.90
N PRO A 44 -0.01 -11.84 -14.51
CA PRO A 44 -0.24 -11.55 -15.94
C PRO A 44 -1.31 -10.48 -16.16
N ARG A 45 -1.15 -9.65 -17.18
CA ARG A 45 -2.22 -8.77 -17.56
C ARG A 45 -2.69 -9.14 -18.97
N LEU A 46 -3.97 -8.88 -19.21
CA LEU A 46 -4.64 -9.29 -20.43
C LEU A 46 -4.34 -8.38 -21.58
N LEU A 47 -3.82 -8.94 -22.65
CA LEU A 47 -3.55 -8.15 -23.83
C LEU A 47 -4.70 -8.24 -24.84
N ILE A 48 -4.79 -9.40 -25.47
CA ILE A 48 -5.75 -9.62 -26.53
C ILE A 48 -6.72 -10.72 -26.14
N TYR A 49 -8.02 -10.48 -26.30
CA TYR A 49 -8.99 -11.54 -26.15
C TYR A 49 -9.75 -11.73 -27.46
N ALA A 50 -10.60 -12.74 -27.49
CA ALA A 50 -11.33 -13.11 -28.70
C ALA A 50 -10.41 -13.19 -29.92
N ALA A 51 -9.24 -13.76 -29.74
CA ALA A 51 -8.24 -13.97 -30.78
C ALA A 51 -7.67 -12.70 -31.37
N SER A 52 -8.32 -11.56 -31.17
CA SER A 52 -8.03 -10.37 -31.97
C SER A 52 -8.33 -9.01 -31.34
N ALA A 53 -9.24 -8.98 -30.36
CA ALA A 53 -9.64 -7.73 -29.71
C ALA A 53 -8.70 -7.30 -28.58
N ARG A 54 -8.25 -6.04 -28.64
CA ARG A 54 -7.43 -5.49 -27.57
C ARG A 54 -8.25 -5.24 -26.30
N ALA A 55 -7.74 -5.74 -25.18
CA ALA A 55 -8.37 -5.54 -23.89
C ALA A 55 -8.44 -4.08 -23.56
N THR A 56 -9.52 -3.67 -22.91
CA THR A 56 -9.67 -2.28 -22.50
C THR A 56 -8.43 -1.82 -21.73
N GLY A 57 -7.73 -0.85 -22.28
CA GLY A 57 -6.54 -0.35 -21.65
C GLY A 57 -5.34 -0.53 -22.54
N ILE A 58 -5.05 -1.78 -22.88
CA ILE A 58 -3.77 -2.07 -23.51
C ILE A 58 -3.70 -1.41 -24.89
N PRO A 59 -2.58 -0.72 -25.13
CA PRO A 59 -2.39 0.22 -26.25
C PRO A 59 -2.45 -0.41 -27.63
N ALA A 60 -2.81 0.42 -28.60
CA ALA A 60 -3.07 -0.06 -29.95
C ALA A 60 -1.83 -0.64 -30.66
N ARG A 61 -0.65 -0.53 -30.04
CA ARG A 61 0.56 -0.99 -30.70
C ARG A 61 0.68 -2.52 -30.66
N PHE A 62 -0.27 -3.16 -30.00
CA PHE A 62 -0.33 -4.62 -29.95
C PHE A 62 -1.34 -5.14 -30.95
N SER A 63 -0.98 -6.18 -31.70
CA SER A 63 -1.87 -6.72 -32.72
C SER A 63 -1.99 -8.23 -32.70
N GLY A 64 -3.17 -8.71 -32.29
CA GLY A 64 -3.45 -10.13 -32.26
C GLY A 64 -4.29 -10.56 -33.44
N SER A 65 -3.72 -11.42 -34.29
CA SER A 65 -4.48 -12.00 -35.39
C SER A 65 -4.55 -13.53 -35.26
N GLY A 66 -5.28 -14.15 -36.20
CA GLY A 66 -5.36 -15.60 -36.25
C GLY A 66 -6.76 -16.16 -36.05
N SER A 67 -6.92 -17.44 -36.34
CA SER A 67 -8.18 -18.18 -36.17
C SER A 67 -7.94 -19.66 -36.47
N GLY A 68 -8.77 -20.53 -35.89
CA GLY A 68 -8.67 -21.96 -36.12
C GLY A 68 -7.59 -22.75 -35.39
N THR A 69 -6.32 -22.43 -35.64
CA THR A 69 -5.25 -23.31 -35.20
C THR A 69 -3.86 -22.67 -35.13
N GLU A 70 -3.61 -21.64 -35.92
CA GLU A 70 -2.37 -20.89 -35.72
C GLU A 70 -2.72 -19.43 -35.41
N PHE A 71 -2.16 -18.90 -34.33
CA PHE A 71 -2.52 -17.56 -33.88
C PHE A 71 -1.27 -16.71 -33.70
N THR A 72 -1.45 -15.41 -33.58
CA THR A 72 -0.30 -14.52 -33.48
C THR A 72 -0.60 -13.20 -32.79
N LEU A 73 0.18 -12.93 -31.74
CA LEU A 73 0.25 -11.59 -31.18
C LEU A 73 1.40 -10.92 -31.92
N THR A 74 1.29 -9.61 -32.14
CA THR A 74 2.32 -8.93 -32.92
C THR A 74 2.58 -7.52 -32.43
N ILE A 75 3.83 -7.22 -32.14
CA ILE A 75 4.19 -5.91 -31.65
C ILE A 75 5.28 -5.31 -32.53
N SER A 76 5.27 -3.98 -32.65
CA SER A 76 6.24 -3.27 -33.48
C SER A 76 6.77 -1.99 -32.83
N GLY A 77 5.86 -1.08 -32.45
CA GLY A 77 6.28 0.23 -31.94
C GLY A 77 6.68 0.22 -30.49
N LEU A 78 7.69 -0.59 -30.18
CA LEU A 78 8.11 -0.91 -28.80
C LEU A 78 8.38 0.28 -27.88
N GLN A 79 7.75 0.27 -26.71
CA GLN A 79 8.17 1.16 -25.64
C GLN A 79 9.23 0.40 -24.83
N SER A 80 9.88 1.09 -23.89
CA SER A 80 10.96 0.50 -23.10
C SER A 80 10.48 -0.64 -22.21
N GLU A 81 9.28 -0.45 -21.65
CA GLU A 81 8.70 -1.36 -20.67
C GLU A 81 8.26 -2.71 -21.22
N ASP A 82 8.60 -3.00 -22.47
CA ASP A 82 7.95 -4.10 -23.14
C ASP A 82 8.62 -5.46 -22.93
N SER A 83 9.72 -5.51 -22.21
CA SER A 83 10.34 -6.82 -21.97
C SER A 83 9.54 -7.53 -20.90
N ALA A 84 9.21 -8.79 -21.19
CA ALA A 84 8.33 -9.60 -20.37
C ALA A 84 8.13 -10.99 -20.97
N VAL A 85 7.26 -11.80 -20.37
CA VAL A 85 6.88 -13.07 -20.97
C VAL A 85 5.52 -12.95 -21.63
N TYR A 86 5.30 -13.69 -22.71
CA TYR A 86 4.04 -13.59 -23.40
C TYR A 86 3.36 -14.94 -23.56
N TYR A 87 2.27 -15.10 -22.81
CA TYR A 87 1.54 -16.37 -22.76
C TYR A 87 0.25 -16.28 -23.55
N CYS A 88 -0.16 -17.42 -24.11
CA CYS A 88 -1.42 -17.54 -24.82
C CYS A 88 -2.31 -18.63 -24.19
N GLN A 89 -3.61 -18.35 -24.14
CA GLN A 89 -4.58 -19.23 -23.49
C GLN A 89 -5.73 -19.57 -24.45
N GLN A 90 -6.04 -20.85 -24.61
CA GLN A 90 -7.18 -21.23 -25.42
C GLN A 90 -8.42 -21.34 -24.55
N TYR A 91 -9.57 -20.91 -25.05
CA TYR A 91 -10.79 -21.16 -24.28
C TYR A 91 -12.01 -21.66 -25.06
N LYS A 92 -11.77 -22.57 -26.02
CA LYS A 92 -12.87 -23.24 -26.71
C LYS A 92 -13.23 -24.55 -26.07
N HIS A 93 -12.21 -25.32 -25.69
CA HIS A 93 -12.42 -26.62 -25.04
C HIS A 93 -12.01 -26.58 -23.58
N TRP A 94 -12.94 -26.95 -22.69
CA TRP A 94 -12.79 -26.79 -21.26
C TRP A 94 -13.89 -27.55 -20.52
N PRO A 95 -13.61 -28.03 -19.28
CA PRO A 95 -12.45 -27.93 -18.37
C PRO A 95 -11.12 -28.33 -18.99
N PRO A 96 -10.02 -27.82 -18.43
CA PRO A 96 -8.78 -27.15 -18.82
C PRO A 96 -8.92 -26.09 -19.89
N TYR A 97 -9.16 -24.84 -19.50
CA TYR A 97 -8.59 -23.76 -20.29
C TYR A 97 -7.11 -24.08 -20.23
N THR A 98 -6.40 -23.94 -21.34
CA THR A 98 -5.02 -24.34 -21.34
C THR A 98 -4.11 -23.26 -21.91
N PHE A 99 -2.98 -23.02 -21.24
CA PHE A 99 -2.08 -21.99 -21.70
C PHE A 99 -0.91 -22.58 -22.47
N GLY A 100 -0.14 -21.70 -23.10
CA GLY A 100 1.04 -22.11 -23.80
C GLY A 100 2.16 -21.91 -22.82
N ARG A 101 3.31 -22.49 -23.12
CA ARG A 101 4.42 -22.42 -22.17
C ARG A 101 5.21 -21.13 -22.33
N GLY A 102 4.66 -20.19 -23.11
CA GLY A 102 5.17 -18.83 -23.16
C GLY A 102 6.22 -18.50 -24.21
N THR A 103 6.51 -17.20 -24.30
CA THR A 103 7.65 -16.71 -25.04
C THR A 103 8.37 -15.66 -24.18
N LYS A 104 9.68 -15.86 -24.01
CA LYS A 104 10.50 -14.95 -23.22
C LYS A 104 10.93 -13.80 -24.11
N LEU A 105 10.74 -12.57 -23.66
CA LEU A 105 11.14 -11.41 -24.44
C LEU A 105 12.40 -10.75 -23.88
N ALA A 113 29.41 -4.22 -22.33
CA ALA A 113 30.19 -4.34 -21.11
C ALA A 113 29.31 -4.13 -19.87
N PRO A 114 29.57 -4.93 -18.82
CA PRO A 114 28.88 -4.85 -17.52
C PRO A 114 29.32 -3.68 -16.61
N SER A 115 29.37 -3.95 -15.31
CA SER A 115 29.84 -3.00 -14.30
C SER A 115 30.07 -3.80 -12.99
N VAL A 116 31.34 -3.90 -12.57
CA VAL A 116 31.74 -4.79 -11.46
C VAL A 116 31.85 -4.05 -10.11
N PHE A 117 31.51 -4.76 -9.02
CA PHE A 117 31.65 -4.29 -7.63
C PHE A 117 32.02 -5.48 -6.75
N ILE A 118 32.38 -5.24 -5.49
CA ILE A 118 32.69 -6.36 -4.56
C ILE A 118 32.35 -6.01 -3.10
N PHE A 119 32.00 -7.03 -2.31
CA PHE A 119 31.55 -6.81 -0.94
C PHE A 119 31.85 -7.98 0.03
N PRO A 120 32.89 -7.83 0.86
CA PRO A 120 33.16 -8.70 2.00
C PRO A 120 32.27 -8.34 3.20
N PRO A 121 32.01 -9.31 4.08
CA PRO A 121 31.07 -9.23 5.21
C PRO A 121 31.18 -8.00 6.11
N SER A 122 30.17 -7.83 6.96
CA SER A 122 30.16 -6.79 7.97
C SER A 122 30.71 -7.35 9.28
N ASP A 123 30.58 -6.57 10.35
CA ASP A 123 31.00 -7.02 11.68
C ASP A 123 30.11 -8.17 12.14
N GLU A 124 28.80 -7.98 11.98
CA GLU A 124 27.81 -8.91 12.52
C GLU A 124 27.82 -10.29 11.86
N GLN A 125 27.99 -10.34 10.54
CA GLN A 125 27.94 -11.62 9.82
C GLN A 125 29.08 -12.52 10.30
N LEU A 126 30.19 -11.92 10.68
CA LEU A 126 31.33 -12.66 11.22
C LEU A 126 31.06 -13.21 12.61
N LYS A 127 30.63 -12.34 13.50
CA LYS A 127 30.45 -12.68 14.90
C LYS A 127 29.48 -13.84 15.14
N SER A 128 28.80 -14.28 14.09
CA SER A 128 27.80 -15.32 14.21
C SER A 128 28.36 -16.71 13.89
N GLY A 129 29.31 -16.80 12.97
CA GLY A 129 29.88 -18.10 12.63
C GLY A 129 30.66 -18.19 11.32
N THR A 130 29.95 -17.99 10.21
CA THR A 130 30.58 -18.05 8.89
C THR A 130 30.45 -16.71 8.14
N ALA A 131 31.16 -16.59 7.01
CA ALA A 131 31.18 -15.34 6.27
C ALA A 131 31.21 -15.58 4.76
N SER A 132 30.37 -14.84 4.04
CA SER A 132 30.30 -14.98 2.59
C SER A 132 30.60 -13.66 1.87
N VAL A 133 31.40 -13.76 0.81
CA VAL A 133 31.76 -12.58 0.04
C VAL A 133 31.00 -12.62 -1.28
N VAL A 134 30.30 -11.52 -1.59
CA VAL A 134 29.46 -11.45 -2.77
C VAL A 134 29.94 -10.34 -3.71
N CYS A 135 29.78 -10.53 -5.01
CA CYS A 135 30.03 -9.43 -5.93
C CYS A 135 28.76 -9.07 -6.71
N LEU A 136 28.78 -7.90 -7.35
CA LEU A 136 27.59 -7.33 -7.98
C LEU A 136 27.86 -6.81 -9.39
N LEU A 137 27.21 -7.41 -10.39
CA LEU A 137 27.36 -6.98 -11.76
C LEU A 137 26.21 -6.08 -12.21
N ASN A 138 26.19 -4.84 -11.72
CA ASN A 138 25.17 -3.87 -12.10
C ASN A 138 25.13 -3.66 -13.62
N ASN A 139 24.02 -4.02 -14.24
CA ASN A 139 23.75 -3.70 -15.63
C ASN A 139 24.65 -4.40 -16.67
N PHE A 140 24.18 -5.54 -17.15
CA PHE A 140 24.75 -6.26 -18.31
C PHE A 140 24.36 -5.63 -19.65
N TYR A 141 24.74 -6.32 -20.73
CA TYR A 141 24.37 -6.00 -22.11
C TYR A 141 25.26 -6.76 -23.10
N PRO A 142 25.00 -8.08 -23.32
CA PRO A 142 24.00 -8.99 -22.73
C PRO A 142 24.51 -9.81 -21.54
N ARG A 143 23.65 -10.69 -21.04
CA ARG A 143 23.87 -11.36 -19.76
C ARG A 143 24.84 -12.54 -19.79
N GLU A 144 25.14 -13.04 -20.98
CA GLU A 144 26.01 -14.20 -21.10
C GLU A 144 27.40 -13.89 -20.55
N ALA A 145 27.77 -14.54 -19.44
CA ALA A 145 29.05 -14.30 -18.79
C ALA A 145 29.47 -15.43 -17.86
N LYS A 146 30.74 -15.40 -17.46
CA LYS A 146 31.29 -16.32 -16.47
C LYS A 146 32.11 -15.53 -15.44
N VAL A 147 31.76 -15.68 -14.16
CA VAL A 147 32.48 -14.99 -13.09
C VAL A 147 33.05 -15.97 -12.06
N GLN A 148 34.37 -16.04 -12.00
CA GLN A 148 35.07 -17.03 -11.17
C GLN A 148 35.80 -16.42 -9.97
N TRP A 149 35.50 -16.94 -8.79
CA TRP A 149 36.19 -16.56 -7.56
C TRP A 149 37.52 -17.31 -7.45
N LYS A 150 38.56 -16.60 -7.04
CA LYS A 150 39.85 -17.25 -6.81
C LYS A 150 40.55 -16.60 -5.62
N VAL A 151 41.21 -17.44 -4.83
CA VAL A 151 42.00 -16.98 -3.70
C VAL A 151 43.38 -17.66 -3.69
N ASP A 152 44.43 -16.85 -3.84
CA ASP A 152 45.82 -17.31 -3.85
C ASP A 152 46.11 -18.30 -4.99
N ASN A 153 46.12 -17.80 -6.23
CA ASN A 153 46.39 -18.60 -7.44
C ASN A 153 45.59 -19.90 -7.47
N ALA A 154 44.30 -19.80 -7.15
CA ALA A 154 43.44 -20.97 -7.15
C ALA A 154 42.20 -20.75 -7.99
N LEU A 155 41.18 -21.57 -7.74
CA LEU A 155 39.91 -21.46 -8.42
C LEU A 155 38.89 -22.15 -7.52
N GLN A 156 37.78 -21.47 -7.24
CA GLN A 156 36.78 -22.02 -6.34
C GLN A 156 35.76 -22.83 -7.14
N SER A 157 35.47 -24.04 -6.65
CA SER A 157 34.55 -24.95 -7.32
C SER A 157 33.57 -25.60 -6.35
N GLY A 158 32.30 -25.20 -6.44
CA GLY A 158 31.25 -25.82 -5.64
C GLY A 158 30.81 -24.99 -4.45
N ASN A 159 31.58 -23.96 -4.11
CA ASN A 159 31.23 -23.09 -3.00
C ASN A 159 30.89 -21.67 -3.43
N SER A 160 30.53 -21.52 -4.71
CA SER A 160 30.04 -20.25 -5.24
C SER A 160 28.62 -20.42 -5.78
N GLN A 161 27.71 -19.57 -5.31
CA GLN A 161 26.34 -19.56 -5.80
C GLN A 161 26.12 -18.36 -6.70
N GLU A 162 25.15 -18.48 -7.60
CA GLU A 162 24.89 -17.48 -8.63
C GLU A 162 23.44 -16.98 -8.61
N SER A 163 23.25 -15.67 -8.78
CA SER A 163 21.91 -15.06 -8.84
C SER A 163 21.77 -14.23 -10.12
N VAL A 164 20.65 -14.34 -10.81
CA VAL A 164 20.47 -13.61 -12.07
C VAL A 164 19.13 -12.83 -12.17
N THR A 165 19.21 -11.51 -12.35
CA THR A 165 18.00 -10.69 -12.53
C THR A 165 17.45 -10.81 -13.98
N GLU A 166 16.19 -10.46 -14.18
CA GLU A 166 15.61 -10.36 -15.53
C GLU A 166 15.53 -8.89 -15.92
N GLN A 167 15.68 -8.62 -17.23
CA GLN A 167 15.73 -7.25 -17.79
C GLN A 167 14.85 -6.25 -17.04
N ASP A 168 15.39 -5.06 -16.76
CA ASP A 168 14.56 -4.02 -16.15
C ASP A 168 13.62 -3.45 -17.21
N SER A 169 12.42 -3.06 -16.77
CA SER A 169 11.42 -2.53 -17.69
C SER A 169 11.70 -1.08 -18.03
N LYS A 170 11.85 -0.24 -17.01
CA LYS A 170 12.11 1.20 -17.21
C LYS A 170 13.60 1.46 -17.48
N ASP A 171 14.19 0.59 -18.30
CA ASP A 171 15.60 0.70 -18.67
C ASP A 171 15.96 -0.36 -19.72
N SER A 172 17.20 -0.81 -19.65
CA SER A 172 17.66 -1.99 -20.35
C SER A 172 18.21 -2.92 -19.29
N THR A 173 19.01 -3.90 -19.73
CA THR A 173 20.06 -4.55 -18.92
C THR A 173 19.72 -5.83 -18.13
N TYR A 174 20.75 -6.56 -17.71
CA TYR A 174 20.62 -7.63 -16.72
C TYR A 174 21.45 -7.29 -15.46
N SER A 175 21.57 -8.24 -14.54
CA SER A 175 22.37 -8.05 -13.32
C SER A 175 22.68 -9.40 -12.68
N LEU A 176 23.92 -9.57 -12.20
CA LEU A 176 24.42 -10.82 -11.66
C LEU A 176 24.80 -10.70 -10.16
N SER A 177 24.60 -11.78 -9.41
CA SER A 177 24.99 -11.81 -7.99
C SER A 177 25.55 -13.17 -7.61
N SER A 178 26.89 -13.24 -7.58
CA SER A 178 27.60 -14.43 -7.13
C SER A 178 27.92 -14.31 -5.65
N THR A 179 28.10 -15.46 -4.99
CA THR A 179 28.45 -15.47 -3.57
C THR A 179 29.31 -16.67 -3.17
N LEU A 180 30.43 -16.40 -2.51
CA LEU A 180 31.32 -17.45 -2.02
C LEU A 180 31.05 -17.71 -0.56
N THR A 181 30.74 -18.96 -0.22
CA THR A 181 30.33 -19.33 1.14
C THR A 181 31.35 -20.23 1.85
N LEU A 182 31.99 -19.67 2.88
CA LEU A 182 32.98 -20.38 3.69
C LEU A 182 32.80 -20.02 5.15
N SER A 183 33.61 -20.59 6.03
CA SER A 183 33.53 -20.29 7.47
C SER A 183 34.55 -19.22 7.88
N LYS A 184 34.36 -18.65 9.08
CA LYS A 184 35.27 -17.63 9.63
C LYS A 184 36.65 -18.23 9.89
N ALA A 185 36.66 -19.56 10.04
CA ALA A 185 37.88 -20.34 10.11
C ALA A 185 38.53 -20.47 8.72
N ASP A 186 38.28 -19.48 7.85
CA ASP A 186 38.84 -19.46 6.51
C ASP A 186 38.94 -18.01 5.97
N TYR A 187 38.18 -17.10 6.56
CA TYR A 187 38.20 -15.68 6.16
C TYR A 187 39.15 -14.90 7.06
N GLU A 188 39.39 -15.45 8.25
CA GLU A 188 40.35 -14.87 9.16
C GLU A 188 41.76 -14.97 8.55
N LYS A 189 41.92 -15.90 7.61
CA LYS A 189 43.19 -16.18 6.95
C LYS A 189 43.25 -15.58 5.53
N HIS A 190 44.17 -16.11 4.73
CA HIS A 190 44.28 -15.86 3.28
C HIS A 190 44.47 -14.39 2.88
N LYS A 191 44.96 -14.16 1.66
CA LYS A 191 45.35 -12.82 1.21
C LYS A 191 44.41 -12.27 0.14
N VAL A 192 44.78 -12.42 -1.13
CA VAL A 192 44.03 -11.85 -2.24
C VAL A 192 42.71 -12.59 -2.49
N TYR A 193 41.63 -11.82 -2.65
CA TYR A 193 40.30 -12.36 -2.93
C TYR A 193 39.75 -11.79 -4.24
N ALA A 194 39.80 -12.57 -5.31
CA ALA A 194 39.52 -12.03 -6.64
C ALA A 194 38.17 -12.47 -7.22
N CYS A 195 37.37 -11.50 -7.63
CA CYS A 195 36.17 -11.76 -8.43
C CYS A 195 36.50 -11.47 -9.89
N GLU A 196 36.80 -12.53 -10.65
CA GLU A 196 37.12 -12.40 -12.07
C GLU A 196 35.86 -12.38 -12.95
N VAL A 197 35.49 -11.18 -13.41
CA VAL A 197 34.36 -11.00 -14.31
C VAL A 197 34.88 -10.90 -15.75
N THR A 198 34.61 -11.92 -16.55
CA THR A 198 35.07 -11.95 -17.95
C THR A 198 34.02 -11.29 -18.88
N HIS A 199 34.51 -10.38 -19.72
CA HIS A 199 33.71 -9.45 -20.55
C HIS A 199 33.04 -8.37 -19.68
N GLN A 200 33.16 -7.09 -20.09
CA GLN A 200 33.89 -6.70 -21.30
C GLN A 200 34.75 -5.47 -21.03
N SER A 204 39.14 -5.11 -21.69
CA SER A 204 39.69 -6.16 -20.82
C SER A 204 39.35 -5.90 -19.35
N PRO A 205 39.03 -6.97 -18.60
CA PRO A 205 38.32 -6.92 -17.30
C PRO A 205 38.98 -6.15 -16.15
N VAL A 206 38.22 -5.23 -15.54
CA VAL A 206 38.55 -4.67 -14.23
C VAL A 206 37.87 -5.52 -13.16
N THR A 207 38.66 -6.15 -12.29
CA THR A 207 38.14 -7.18 -11.38
C THR A 207 38.45 -6.87 -9.91
N LYS A 208 37.57 -6.08 -9.29
CA LYS A 208 37.79 -5.56 -7.93
C LYS A 208 38.00 -6.62 -6.85
N SER A 209 38.61 -6.19 -5.74
CA SER A 209 38.96 -7.09 -4.64
C SER A 209 39.26 -6.41 -3.31
N PHE A 210 39.78 -7.20 -2.38
CA PHE A 210 40.19 -6.75 -1.05
C PHE A 210 41.07 -7.84 -0.44
N ASN A 211 41.52 -7.66 0.81
CA ASN A 211 42.30 -8.72 1.46
C ASN A 211 42.25 -8.76 3.01
N ARG A 212 42.07 -9.97 3.54
CA ARG A 212 42.28 -10.33 4.96
C ARG A 212 41.41 -9.61 6.01
N GLY A 213 40.89 -8.43 5.67
CA GLY A 213 40.17 -7.58 6.61
C GLY A 213 40.85 -6.23 6.63
N GLU A 214 40.08 -5.15 6.64
CA GLU A 214 40.68 -3.81 6.52
C GLU A 214 39.93 -2.67 7.21
N CYS A 215 39.81 -1.53 6.53
CA CYS A 215 39.46 -0.26 7.18
C CYS A 215 38.05 0.30 6.88
N SER A 216 37.71 1.37 7.60
CA SER A 216 36.40 2.00 7.54
C SER A 216 36.45 3.33 6.80
N GLN B 1 -11.54 -0.46 -11.32
CA GLN B 1 -12.37 -0.35 -10.12
C GLN B 1 -12.32 -1.63 -9.32
N VAL B 2 -11.86 -2.68 -9.99
CA VAL B 2 -11.82 -3.97 -9.33
C VAL B 2 -10.44 -4.26 -8.73
N GLN B 3 -10.43 -4.41 -7.41
CA GLN B 3 -9.24 -4.82 -6.70
C GLN B 3 -9.39 -6.27 -6.39
N LEU B 4 -8.35 -7.02 -6.73
CA LEU B 4 -8.24 -8.39 -6.26
C LEU B 4 -7.16 -8.51 -5.16
N GLN B 5 -7.52 -9.03 -4.00
CA GLN B 5 -6.49 -9.26 -2.96
C GLN B 5 -6.60 -10.66 -2.31
N GLN B 6 -5.55 -11.43 -2.43
CA GLN B 6 -5.55 -12.76 -1.86
C GLN B 6 -4.63 -12.86 -0.64
N TRP B 7 -4.69 -13.97 0.07
CA TRP B 7 -3.85 -14.17 1.22
C TRP B 7 -3.94 -15.62 1.69
N GLY B 8 -2.95 -16.05 2.46
CA GLY B 8 -2.98 -17.38 3.03
C GLY B 8 -1.61 -17.97 3.29
N PRO B 9 -1.59 -19.18 3.86
CA PRO B 9 -0.47 -20.00 4.32
C PRO B 9 0.87 -19.69 3.68
N GLY B 10 1.22 -20.26 2.55
CA GLY B 10 2.56 -20.02 2.04
C GLY B 10 3.58 -21.08 2.41
N LEU B 11 3.41 -21.69 3.59
CA LEU B 11 4.09 -22.95 3.90
C LEU B 11 3.13 -23.94 4.54
N LEU B 12 3.27 -25.20 4.13
CA LEU B 12 2.47 -26.28 4.68
C LEU B 12 3.07 -27.63 4.30
N LYS B 13 2.57 -28.68 4.91
CA LYS B 13 3.27 -29.95 4.85
C LYS B 13 2.45 -30.94 4.06
N PRO B 14 3.13 -31.90 3.40
CA PRO B 14 2.48 -32.94 2.60
C PRO B 14 1.32 -33.58 3.34
N SER B 15 0.29 -33.99 2.59
CA SER B 15 -0.96 -34.59 3.09
C SER B 15 -1.99 -33.54 3.50
N GLU B 16 -1.54 -32.37 3.93
CA GLU B 16 -2.48 -31.35 4.41
C GLU B 16 -3.34 -30.66 3.32
N THR B 17 -3.88 -29.51 3.70
CA THR B 17 -4.93 -28.83 2.98
C THR B 17 -4.54 -27.38 2.81
N LEU B 18 -4.31 -26.97 1.56
CA LEU B 18 -4.05 -25.56 1.24
C LEU B 18 -5.33 -24.74 1.31
N SER B 19 -5.27 -23.54 1.86
CA SER B 19 -6.45 -22.69 1.76
C SER B 19 -6.10 -21.22 1.49
N LEU B 20 -6.74 -20.67 0.48
CA LEU B 20 -6.41 -19.36 -0.01
C LEU B 20 -7.69 -18.56 -0.19
N THR B 21 -7.63 -17.24 -0.02
CA THR B 21 -8.84 -16.46 -0.07
C THR B 21 -8.63 -15.16 -0.81
N CYS B 22 -9.38 -15.00 -1.90
CA CYS B 22 -9.34 -13.79 -2.68
C CYS B 22 -10.51 -12.96 -2.25
N ALA B 23 -10.30 -11.66 -2.07
CA ALA B 23 -11.40 -10.76 -1.77
C ALA B 23 -11.42 -9.65 -2.81
N VAL B 24 -12.62 -9.32 -3.27
CA VAL B 24 -12.81 -8.45 -4.40
C VAL B 24 -13.32 -7.08 -3.97
N TYR B 25 -12.59 -6.04 -4.33
CA TYR B 25 -12.93 -4.70 -3.92
C TYR B 25 -13.34 -3.89 -5.13
N GLY B 26 -14.51 -3.26 -5.08
CA GLY B 26 -14.91 -2.36 -6.16
C GLY B 26 -15.61 -3.04 -7.32
N GLY B 27 -16.76 -3.63 -7.00
CA GLY B 27 -17.50 -4.42 -7.95
C GLY B 27 -17.97 -5.64 -7.19
N SER B 28 -18.71 -6.51 -7.86
CA SER B 28 -19.21 -7.72 -7.23
C SER B 28 -19.15 -8.93 -8.17
N PHE B 29 -19.77 -10.03 -7.72
CA PHE B 29 -19.68 -11.34 -8.36
C PHE B 29 -20.36 -11.49 -9.75
N GLY B 30 -21.12 -10.47 -10.14
CA GLY B 30 -22.10 -10.57 -11.19
C GLY B 30 -21.76 -11.24 -12.51
N ARG B 31 -21.97 -12.56 -12.57
CA ARG B 31 -21.81 -13.32 -13.81
C ARG B 31 -20.38 -13.17 -14.31
N TYR B 32 -19.45 -13.45 -13.41
CA TYR B 32 -18.04 -13.49 -13.73
C TYR B 32 -17.51 -14.84 -13.30
N TYR B 33 -16.50 -15.33 -14.00
CA TYR B 33 -15.83 -16.53 -13.51
C TYR B 33 -14.76 -16.07 -12.54
N TRP B 34 -14.91 -16.50 -11.30
CA TRP B 34 -13.93 -16.21 -10.27
C TRP B 34 -12.98 -17.39 -10.24
N SER B 35 -11.76 -17.17 -10.69
CA SER B 35 -10.90 -18.27 -11.07
C SER B 35 -9.68 -18.37 -10.19
N TRP B 36 -8.91 -19.43 -10.41
CA TRP B 36 -7.74 -19.75 -9.61
C TRP B 36 -6.72 -20.37 -10.56
N ILE B 37 -5.59 -19.71 -10.70
CA ILE B 37 -4.55 -20.13 -11.62
C ILE B 37 -3.22 -20.22 -10.85
N ARG B 38 -2.36 -21.16 -11.23
CA ARG B 38 -1.04 -21.30 -10.57
C ARG B 38 0.15 -21.50 -11.54
N GLN B 39 1.32 -21.11 -11.07
CA GLN B 39 2.53 -21.34 -11.85
C GLN B 39 3.66 -21.91 -10.96
N SER B 40 4.02 -23.17 -11.20
CA SER B 40 5.13 -23.79 -10.50
C SER B 40 6.40 -23.01 -10.81
N SER B 41 7.30 -22.98 -9.83
CA SER B 41 8.35 -21.94 -9.70
C SER B 41 9.11 -21.58 -11.01
N GLY B 42 9.38 -22.56 -11.86
CA GLY B 42 9.94 -22.25 -13.17
C GLY B 42 9.14 -22.94 -14.26
N GLU B 43 7.81 -22.86 -14.18
CA GLU B 43 6.97 -23.72 -14.99
C GLU B 43 5.89 -23.03 -15.85
N GLY B 44 4.90 -23.83 -16.24
CA GLY B 44 3.80 -23.32 -17.04
C GLY B 44 2.62 -22.90 -16.20
N LEU B 45 1.80 -22.01 -16.77
CA LEU B 45 0.52 -21.64 -16.17
C LEU B 45 -0.39 -22.85 -16.12
N GLU B 46 -1.13 -22.99 -15.03
CA GLU B 46 -2.03 -24.11 -14.89
C GLU B 46 -3.38 -23.65 -14.36
N TRP B 47 -4.44 -23.99 -15.06
CA TRP B 47 -5.75 -23.52 -14.65
C TRP B 47 -6.33 -24.44 -13.56
N LEU B 48 -6.71 -23.87 -12.42
CA LEU B 48 -7.20 -24.75 -11.35
C LEU B 48 -8.69 -24.94 -11.38
N GLY B 49 -9.45 -23.87 -11.58
CA GLY B 49 -10.88 -23.97 -11.43
C GLY B 49 -11.52 -22.62 -11.33
N GLN B 50 -12.84 -22.59 -11.21
CA GLN B 50 -13.56 -21.33 -11.13
C GLN B 50 -14.96 -21.52 -10.60
N ILE B 51 -15.52 -20.45 -10.07
CA ILE B 51 -16.82 -20.48 -9.47
C ILE B 51 -17.53 -19.20 -9.90
N ASP B 52 -18.86 -19.23 -10.00
CA ASP B 52 -19.60 -17.98 -10.26
C ASP B 52 -20.59 -17.79 -9.13
N HIS B 53 -21.24 -16.63 -9.10
CA HIS B 53 -22.12 -16.23 -7.99
C HIS B 53 -23.15 -17.29 -7.62
N THR B 54 -23.49 -18.16 -8.56
CA THR B 54 -24.38 -19.28 -8.30
C THR B 54 -23.88 -20.16 -7.20
N GLY B 55 -22.71 -20.73 -7.46
CA GLY B 55 -22.16 -21.83 -6.68
C GLY B 55 -21.68 -22.83 -7.70
N SER B 56 -22.00 -22.58 -8.97
CA SER B 56 -21.59 -23.47 -10.06
C SER B 56 -20.08 -23.52 -10.13
N THR B 57 -19.51 -24.70 -10.18
CA THR B 57 -18.06 -24.75 -10.27
C THR B 57 -17.62 -25.62 -11.43
N THR B 58 -16.34 -25.51 -11.76
CA THR B 58 -15.71 -26.34 -12.77
C THR B 58 -14.26 -26.49 -12.37
N TYR B 59 -13.84 -27.66 -11.95
CA TYR B 59 -12.43 -27.81 -11.58
C TYR B 59 -11.68 -28.52 -12.68
N ASN B 60 -10.36 -28.46 -12.61
CA ASN B 60 -9.49 -29.13 -13.56
C ASN B 60 -9.36 -30.60 -13.15
N PRO B 61 -9.91 -31.51 -13.98
CA PRO B 61 -9.88 -32.97 -13.77
C PRO B 61 -8.46 -33.46 -13.57
N SER B 62 -7.54 -33.03 -14.41
CA SER B 62 -6.14 -33.41 -14.27
C SER B 62 -5.55 -33.10 -12.87
N LEU B 63 -6.41 -32.74 -11.91
CA LEU B 63 -5.98 -32.59 -10.52
C LEU B 63 -6.77 -33.54 -9.66
N LYS B 64 -7.28 -34.59 -10.31
CA LYS B 64 -8.28 -35.45 -9.72
C LYS B 64 -9.29 -34.62 -8.91
N GLY B 65 -9.76 -35.14 -7.79
CA GLY B 65 -10.80 -34.44 -7.07
C GLY B 65 -10.29 -33.46 -6.04
N ARG B 66 -8.97 -33.29 -6.01
CA ARG B 66 -8.29 -32.57 -4.92
C ARG B 66 -8.70 -31.11 -4.73
N VAL B 67 -8.95 -30.42 -5.84
CA VAL B 67 -9.26 -29.00 -5.81
C VAL B 67 -10.73 -28.73 -5.55
N THR B 68 -11.00 -27.72 -4.74
CA THR B 68 -12.37 -27.29 -4.53
C THR B 68 -12.46 -25.79 -4.20
N ILE B 69 -13.40 -25.11 -4.83
CA ILE B 69 -13.54 -23.68 -4.65
C ILE B 69 -14.87 -23.41 -3.98
N SER B 70 -15.01 -22.27 -3.30
CA SER B 70 -16.29 -21.87 -2.76
C SER B 70 -16.37 -20.38 -2.83
N ILE B 71 -17.55 -19.84 -2.59
CA ILE B 71 -17.76 -18.41 -2.74
C ILE B 71 -18.61 -17.92 -1.59
N ASP B 72 -18.37 -16.69 -1.15
CA ASP B 72 -18.97 -16.17 0.07
C ASP B 72 -19.69 -14.87 -0.17
N SER B 73 -20.98 -15.00 -0.51
CA SER B 73 -21.84 -13.91 -0.99
C SER B 73 -21.78 -12.62 -0.17
N SER B 74 -21.68 -12.77 1.15
CA SER B 74 -21.75 -11.67 2.11
C SER B 74 -20.59 -10.68 2.01
N THR B 75 -19.38 -11.23 1.96
CA THR B 75 -18.16 -10.46 2.06
C THR B 75 -17.54 -10.11 0.72
N ASN B 76 -18.11 -10.63 -0.36
CA ASN B 76 -17.48 -10.60 -1.66
C ASN B 76 -16.07 -11.17 -1.63
N GLN B 77 -15.97 -12.40 -1.13
CA GLN B 77 -14.75 -13.16 -1.33
C GLN B 77 -15.07 -14.58 -1.80
N PHE B 78 -14.06 -15.26 -2.31
CA PHE B 78 -14.14 -16.66 -2.70
C PHE B 78 -12.77 -17.30 -2.44
N SER B 79 -12.71 -18.63 -2.39
CA SER B 79 -11.57 -19.29 -1.77
C SER B 79 -11.19 -20.64 -2.36
N LEU B 80 -9.88 -20.82 -2.56
CA LEU B 80 -9.31 -22.08 -3.00
C LEU B 80 -9.08 -22.99 -1.81
N LYS B 81 -9.17 -24.30 -2.03
CA LYS B 81 -8.97 -25.29 -1.00
C LYS B 81 -8.42 -26.57 -1.65
N VAL B 82 -7.10 -26.73 -1.62
CA VAL B 82 -6.47 -27.93 -2.17
C VAL B 82 -6.19 -28.98 -1.08
N THR B 83 -6.53 -30.22 -1.38
CA THR B 83 -6.49 -31.32 -0.45
C THR B 83 -5.27 -32.19 -0.78
N SER B 84 -4.70 -32.84 0.24
CA SER B 84 -3.63 -33.82 0.04
C SER B 84 -2.36 -33.26 -0.58
N VAL B 85 -2.04 -32.04 -0.21
CA VAL B 85 -0.92 -31.31 -0.78
C VAL B 85 0.36 -32.17 -0.94
N ILE B 86 1.08 -31.99 -2.03
CA ILE B 86 2.36 -32.65 -2.25
C ILE B 86 3.34 -31.66 -2.87
N ALA B 87 4.58 -32.05 -3.09
CA ALA B 87 5.62 -31.06 -3.40
C ALA B 87 5.43 -30.31 -4.71
N ALA B 88 4.74 -30.91 -5.68
CA ALA B 88 4.58 -30.25 -6.98
C ALA B 88 3.69 -29.01 -6.87
N ASP B 89 2.83 -29.01 -5.85
CA ASP B 89 1.92 -27.91 -5.61
C ASP B 89 2.68 -26.64 -5.23
N THR B 90 3.99 -26.73 -5.05
CA THR B 90 4.71 -25.50 -4.79
C THR B 90 4.64 -24.66 -6.05
N ALA B 91 3.96 -23.55 -5.89
CA ALA B 91 3.66 -22.68 -7.00
C ALA B 91 3.14 -21.37 -6.50
N VAL B 92 3.25 -20.36 -7.35
CA VAL B 92 2.55 -19.12 -7.10
C VAL B 92 1.08 -19.34 -7.48
N TYR B 93 0.18 -18.84 -6.64
CA TYR B 93 -1.24 -19.00 -6.86
C TYR B 93 -1.89 -17.65 -7.04
N TYR B 94 -2.62 -17.48 -8.14
CA TYR B 94 -3.36 -16.23 -8.33
C TYR B 94 -4.84 -16.43 -8.37
N CYS B 95 -5.57 -15.51 -7.74
CA CYS B 95 -7.00 -15.41 -8.04
C CYS B 95 -7.14 -14.50 -9.24
N ALA B 96 -8.16 -14.72 -10.05
CA ALA B 96 -8.39 -13.88 -11.22
C ALA B 96 -9.86 -13.84 -11.59
N ARG B 97 -10.27 -12.79 -12.28
CA ARG B 97 -11.65 -12.64 -12.82
C ARG B 97 -11.75 -12.90 -14.32
N ALA B 98 -12.74 -13.67 -14.73
CA ALA B 98 -13.06 -13.77 -16.16
C ALA B 98 -14.54 -13.49 -16.38
N PRO B 99 -14.85 -12.57 -17.29
CA PRO B 99 -16.27 -12.32 -17.54
C PRO B 99 -16.88 -13.37 -18.49
N SER B 100 -18.14 -13.74 -18.23
CA SER B 100 -18.78 -14.86 -18.88
C SER B 100 -19.87 -14.52 -19.96
N GLY B 101 -19.81 -13.32 -20.54
CA GLY B 101 -20.83 -12.92 -21.48
C GLY B 101 -22.22 -12.67 -20.89
N TYR B 102 -23.23 -12.74 -21.75
CA TYR B 102 -24.62 -12.52 -21.38
C TYR B 102 -25.49 -13.37 -22.29
N PRO B 103 -26.26 -14.29 -21.71
CA PRO B 103 -27.07 -15.26 -22.47
C PRO B 103 -27.97 -14.60 -23.50
N GLY B 104 -27.75 -14.94 -24.77
CA GLY B 104 -28.44 -14.29 -25.86
C GLY B 104 -27.56 -13.20 -26.45
N VAL B 105 -27.44 -12.11 -25.71
CA VAL B 105 -26.73 -10.91 -26.17
C VAL B 105 -25.25 -11.05 -26.59
N SER B 106 -24.48 -11.91 -25.92
CA SER B 106 -23.02 -11.87 -26.09
C SER B 106 -22.46 -12.85 -27.13
N LEU B 107 -21.46 -12.40 -27.87
CA LEU B 107 -20.85 -13.23 -28.87
C LEU B 107 -20.28 -14.48 -28.26
N TYR B 108 -19.42 -14.30 -27.25
CA TYR B 108 -18.70 -15.39 -26.57
C TYR B 108 -19.24 -15.73 -25.19
N GLN B 109 -18.64 -16.72 -24.54
CA GLN B 109 -18.99 -17.06 -23.16
C GLN B 109 -17.82 -16.94 -22.18
N TYR B 110 -16.74 -16.34 -22.63
CA TYR B 110 -15.52 -16.19 -21.87
C TYR B 110 -14.75 -15.08 -22.53
N TYR B 111 -14.39 -14.08 -21.74
CA TYR B 111 -13.49 -13.05 -22.23
C TYR B 111 -12.21 -13.33 -21.44
N GLY B 112 -11.19 -12.50 -21.49
CA GLY B 112 -9.95 -12.96 -20.84
C GLY B 112 -9.99 -13.23 -19.33
N LEU B 113 -8.83 -13.53 -18.77
CA LEU B 113 -8.64 -13.31 -17.34
C LEU B 113 -8.18 -11.87 -17.28
N ASP B 114 -9.08 -10.97 -16.92
CA ASP B 114 -8.84 -9.55 -17.15
C ASP B 114 -8.28 -8.89 -15.94
N VAL B 115 -8.50 -9.55 -14.80
CA VAL B 115 -8.20 -8.99 -13.48
C VAL B 115 -7.51 -10.02 -12.55
N TRP B 116 -6.26 -9.74 -12.18
CA TRP B 116 -5.48 -10.69 -11.41
C TRP B 116 -5.03 -10.16 -10.06
N GLY B 117 -5.21 -11.00 -9.04
CA GLY B 117 -4.67 -10.74 -7.72
C GLY B 117 -3.16 -10.71 -7.73
N GLN B 118 -2.57 -10.17 -6.65
CA GLN B 118 -1.14 -9.90 -6.57
C GLN B 118 -0.32 -11.16 -6.60
N GLY B 119 -0.86 -12.25 -6.05
CA GLY B 119 -0.19 -13.54 -6.05
C GLY B 119 0.16 -14.01 -4.65
N THR B 120 0.09 -15.32 -4.43
CA THR B 120 0.46 -15.89 -3.13
C THR B 120 1.43 -17.05 -3.35
N THR B 121 2.65 -16.93 -2.82
CA THR B 121 3.63 -18.02 -2.99
C THR B 121 3.34 -19.11 -1.98
N VAL B 122 3.26 -20.36 -2.43
CA VAL B 122 2.94 -21.44 -1.52
C VAL B 122 3.91 -22.57 -1.73
N THR B 123 4.68 -22.82 -0.67
CA THR B 123 5.78 -23.76 -0.67
C THR B 123 5.38 -24.96 0.19
N VAL B 124 5.42 -26.15 -0.40
CA VAL B 124 5.08 -27.37 0.34
C VAL B 124 6.32 -28.20 0.67
N SER B 125 6.54 -28.42 1.96
CA SER B 125 7.69 -29.19 2.42
C SER B 125 7.55 -29.51 3.89
N SER B 126 8.46 -30.35 4.36
CA SER B 126 8.49 -30.82 5.74
C SER B 126 9.32 -29.88 6.62
N ALA B 127 10.34 -29.27 6.00
CA ALA B 127 11.21 -28.29 6.66
C ALA B 127 10.39 -27.25 7.41
N SER B 128 10.93 -26.74 8.51
CA SER B 128 10.19 -25.77 9.32
C SER B 128 10.65 -24.38 8.94
N THR B 129 10.00 -23.35 9.48
CA THR B 129 10.28 -21.99 9.03
C THR B 129 11.35 -21.32 9.84
N LYS B 130 12.22 -20.57 9.17
CA LYS B 130 13.17 -19.74 9.89
C LYS B 130 13.21 -18.35 9.29
N GLY B 131 13.03 -17.34 10.15
CA GLY B 131 13.19 -15.96 9.73
C GLY B 131 14.61 -15.72 9.25
N PRO B 132 14.79 -14.77 8.34
CA PRO B 132 16.14 -14.49 7.88
C PRO B 132 16.94 -13.76 8.94
N SER B 133 18.25 -13.71 8.76
CA SER B 133 19.11 -12.84 9.54
C SER B 133 19.41 -11.66 8.62
N VAL B 134 19.47 -10.46 9.19
CA VAL B 134 19.68 -9.28 8.37
C VAL B 134 21.03 -8.64 8.69
N PHE B 135 21.90 -8.58 7.69
CA PHE B 135 23.27 -8.09 7.88
C PHE B 135 23.60 -6.93 6.95
N PRO B 136 23.61 -5.70 7.50
CA PRO B 136 23.78 -4.44 6.74
C PRO B 136 25.07 -4.40 5.92
N LEU B 137 25.14 -3.46 4.98
CA LEU B 137 26.35 -3.24 4.20
C LEU B 137 26.69 -1.76 4.14
N GLY B 152 23.84 -0.97 2.07
CA GLY B 152 23.31 -2.15 1.41
C GLY B 152 22.53 -2.99 2.40
N CYS B 153 21.93 -4.09 1.92
CA CYS B 153 21.12 -4.93 2.79
C CYS B 153 21.30 -6.39 2.44
N LEU B 154 21.49 -7.21 3.47
CA LEU B 154 21.66 -8.65 3.30
C LEU B 154 20.74 -9.41 4.25
N VAL B 155 19.84 -10.18 3.67
CA VAL B 155 19.00 -11.09 4.42
C VAL B 155 19.46 -12.50 4.09
N LYS B 156 19.77 -13.28 5.12
CA LYS B 156 20.36 -14.58 4.86
C LYS B 156 19.67 -15.70 5.63
N ASP B 157 19.69 -16.88 5.02
CA ASP B 157 19.33 -18.13 5.70
C ASP B 157 17.89 -18.20 6.21
N TYR B 158 16.92 -18.17 5.29
CA TYR B 158 15.50 -18.22 5.64
C TYR B 158 14.73 -19.27 4.87
N PHE B 159 13.59 -19.67 5.40
CA PHE B 159 12.71 -20.63 4.75
C PHE B 159 11.25 -20.50 5.21
N PRO B 160 10.30 -20.53 4.26
CA PRO B 160 10.55 -20.72 2.83
C PRO B 160 10.57 -19.40 2.12
N GLU B 161 10.36 -19.44 0.81
CA GLU B 161 10.09 -18.22 0.06
C GLU B 161 8.73 -17.64 0.47
N PRO B 162 8.56 -16.30 0.32
CA PRO B 162 9.50 -15.31 -0.20
C PRO B 162 9.76 -14.19 0.81
N VAL B 163 10.60 -13.23 0.46
CA VAL B 163 10.91 -12.18 1.43
C VAL B 163 10.74 -10.75 0.90
N THR B 164 10.25 -9.91 1.83
CA THR B 164 9.81 -8.53 1.59
C THR B 164 10.91 -7.49 1.78
N VAL B 165 11.21 -6.70 0.75
CA VAL B 165 12.23 -5.65 0.86
C VAL B 165 11.71 -4.25 0.46
N SER B 166 11.41 -3.42 1.46
CA SER B 166 11.04 -2.01 1.22
C SER B 166 11.91 -1.05 2.04
N TRP B 167 12.01 0.18 1.59
CA TRP B 167 12.95 1.13 2.17
C TRP B 167 12.29 2.36 2.75
N ASN B 168 12.64 2.68 3.99
CA ASN B 168 12.09 3.81 4.72
C ASN B 168 10.57 3.75 4.82
N SER B 169 10.06 2.59 5.22
CA SER B 169 8.61 2.35 5.30
C SER B 169 7.92 2.58 3.95
N GLY B 170 8.65 2.34 2.87
CA GLY B 170 8.08 2.40 1.52
C GLY B 170 8.54 3.57 0.69
N ALA B 171 8.85 4.68 1.36
CA ALA B 171 9.22 5.93 0.71
C ALA B 171 10.37 5.74 -0.29
N LEU B 172 11.55 5.40 0.22
CA LEU B 172 12.71 5.16 -0.62
C LEU B 172 12.38 4.02 -1.60
N THR B 173 12.70 4.21 -2.87
CA THR B 173 12.21 3.31 -3.92
C THR B 173 13.14 3.06 -5.12
N SER B 174 13.75 4.12 -5.63
CA SER B 174 14.25 4.12 -7.00
C SER B 174 15.57 3.38 -7.26
N GLY B 175 15.75 2.96 -8.52
CA GLY B 175 17.03 2.46 -9.02
C GLY B 175 17.58 1.14 -8.49
N VAL B 176 16.76 0.40 -7.75
CA VAL B 176 17.21 -0.82 -7.08
C VAL B 176 17.46 -2.01 -8.03
N HIS B 177 18.33 -2.92 -7.61
CA HIS B 177 18.39 -4.27 -8.17
C HIS B 177 18.27 -5.30 -7.04
N THR B 178 17.10 -5.43 -6.42
CA THR B 178 16.89 -6.47 -5.41
C THR B 178 16.81 -7.83 -6.09
N PHE B 179 17.83 -8.64 -5.88
CA PHE B 179 18.00 -9.86 -6.67
C PHE B 179 16.99 -10.95 -6.29
N PRO B 180 16.84 -11.96 -7.17
CA PRO B 180 16.15 -13.23 -6.91
C PRO B 180 16.83 -14.08 -5.85
N ALA B 181 16.06 -14.90 -5.14
CA ALA B 181 16.61 -15.72 -4.08
C ALA B 181 17.56 -16.77 -4.61
N VAL B 182 18.57 -17.10 -3.82
CA VAL B 182 19.48 -18.17 -4.18
C VAL B 182 19.44 -19.27 -3.12
N LEU B 183 19.08 -20.47 -3.54
CA LEU B 183 18.97 -21.57 -2.62
C LEU B 183 20.36 -22.00 -2.18
N GLN B 184 20.54 -22.13 -0.87
CA GLN B 184 21.81 -22.61 -0.33
C GLN B 184 21.79 -24.12 -0.07
N SER B 185 22.97 -24.68 0.23
CA SER B 185 23.11 -26.12 0.45
C SER B 185 22.52 -26.50 1.81
N SER B 186 22.40 -25.52 2.68
CA SER B 186 21.81 -25.73 4.00
C SER B 186 20.30 -25.97 3.95
N GLY B 187 19.75 -26.12 2.75
CA GLY B 187 18.31 -26.25 2.58
C GLY B 187 17.52 -24.96 2.85
N LEU B 188 18.24 -23.86 3.03
CA LEU B 188 17.64 -22.57 3.34
C LEU B 188 17.97 -21.58 2.26
N TYR B 189 16.98 -20.77 1.87
CA TYR B 189 17.17 -19.77 0.83
C TYR B 189 17.87 -18.54 1.39
N SER B 190 18.48 -17.77 0.49
CA SER B 190 19.04 -16.48 0.84
C SER B 190 19.27 -15.63 -0.40
N LEU B 191 19.12 -14.32 -0.24
CA LEU B 191 19.37 -13.42 -1.34
C LEU B 191 19.86 -12.07 -0.84
N SER B 192 20.09 -11.18 -1.79
CA SER B 192 20.85 -9.97 -1.59
C SER B 192 20.14 -8.74 -2.13
N SER B 193 19.96 -7.73 -1.29
CA SER B 193 19.31 -6.50 -1.77
C SER B 193 20.28 -5.33 -1.83
N VAL B 194 20.40 -4.75 -3.01
CA VAL B 194 21.25 -3.57 -3.20
C VAL B 194 20.38 -2.31 -3.28
N VAL B 195 21.03 -1.17 -3.46
CA VAL B 195 20.40 0.10 -3.86
C VAL B 195 21.46 0.83 -4.70
N THR B 196 21.05 1.76 -5.57
CA THR B 196 22.02 2.62 -6.24
C THR B 196 21.73 4.09 -5.91
N VAL B 197 22.60 4.66 -5.07
CA VAL B 197 22.63 6.08 -4.74
C VAL B 197 24.10 6.53 -4.78
N PRO B 198 24.59 6.89 -5.99
CA PRO B 198 26.02 7.22 -6.21
C PRO B 198 26.49 8.44 -5.41
N SER B 199 27.80 8.68 -5.42
CA SER B 199 28.42 9.80 -4.69
C SER B 199 28.22 9.73 -3.17
N SER B 200 27.32 10.55 -2.63
CA SER B 200 27.19 10.68 -1.18
C SER B 200 25.89 11.33 -0.67
N SER B 201 26.07 12.34 0.19
CA SER B 201 25.05 12.94 1.08
C SER B 201 24.77 12.01 2.26
N LEU B 202 25.86 11.44 2.83
CA LEU B 202 25.80 10.37 3.81
C LEU B 202 24.87 10.62 5.01
N GLY B 203 24.98 11.81 5.60
CA GLY B 203 24.19 12.15 6.78
C GLY B 203 22.79 12.57 6.37
N THR B 204 22.39 13.77 6.82
CA THR B 204 21.07 14.40 6.58
C THR B 204 19.90 13.40 6.53
N GLN B 205 19.90 12.51 5.54
CA GLN B 205 18.86 11.50 5.39
C GLN B 205 19.34 10.15 5.95
N THR B 206 18.51 9.54 6.78
CA THR B 206 18.80 8.21 7.32
C THR B 206 18.10 7.11 6.49
N TYR B 207 18.83 6.04 6.16
CA TYR B 207 18.36 5.02 5.22
C TYR B 207 18.20 3.60 5.82
N ILE B 208 16.95 3.14 5.95
CA ILE B 208 16.64 1.84 6.56
C ILE B 208 16.02 0.85 5.56
N CYS B 209 16.40 -0.42 5.63
CA CYS B 209 15.68 -1.47 4.91
C CYS B 209 14.62 -2.11 5.79
N ASN B 210 13.39 -2.10 5.31
CA ASN B 210 12.33 -2.91 5.88
C ASN B 210 12.40 -4.29 5.26
N VAL B 211 12.53 -5.30 6.10
CA VAL B 211 12.49 -6.67 5.63
C VAL B 211 11.43 -7.42 6.41
N ASN B 212 10.57 -8.08 5.65
CA ASN B 212 9.52 -8.86 6.26
C ASN B 212 9.42 -10.26 5.65
N HIS B 213 9.17 -11.20 6.53
CA HIS B 213 9.10 -12.59 6.14
C HIS B 213 7.84 -13.15 6.79
N LYS B 214 6.74 -13.03 6.07
CA LYS B 214 5.44 -13.45 6.57
C LYS B 214 5.46 -14.85 7.17
N PRO B 215 5.97 -15.85 6.42
CA PRO B 215 5.94 -17.23 6.92
C PRO B 215 6.42 -17.46 8.35
N SER B 216 7.23 -16.57 8.89
CA SER B 216 7.83 -16.83 10.21
C SER B 216 7.72 -15.67 11.19
N ASN B 217 6.85 -14.72 10.87
CA ASN B 217 6.58 -13.58 11.74
C ASN B 217 7.83 -12.81 12.09
N THR B 218 8.58 -12.44 11.05
CA THR B 218 9.83 -11.70 11.22
C THR B 218 9.80 -10.40 10.41
N LYS B 219 9.74 -9.27 11.11
CA LYS B 219 9.93 -8.00 10.43
C LYS B 219 11.05 -7.23 11.13
N VAL B 220 12.16 -7.10 10.40
CA VAL B 220 13.31 -6.38 10.89
C VAL B 220 13.42 -5.01 10.20
N ASP B 221 13.47 -3.95 11.01
CA ASP B 221 13.79 -2.62 10.51
C ASP B 221 15.26 -2.32 10.78
N LYS B 222 16.16 -3.04 10.11
CA LYS B 222 17.59 -2.90 10.40
C LYS B 222 18.20 -1.70 9.68
N LYS B 223 18.66 -0.74 10.50
CA LYS B 223 19.21 0.54 10.06
C LYS B 223 20.60 0.38 9.40
N VAL B 224 20.72 0.88 8.18
CA VAL B 224 21.98 0.81 7.44
C VAL B 224 22.45 2.21 7.08
N MET C 1 0.71 -14.39 -52.74
CA MET C 1 1.22 -15.39 -51.81
C MET C 1 0.38 -15.43 -50.55
N THR C 2 0.17 -14.26 -49.95
CA THR C 2 -0.48 -14.18 -48.65
C THR C 2 -1.99 -14.02 -48.79
N THR C 3 -2.72 -14.39 -47.75
CA THR C 3 -4.18 -14.34 -47.77
C THR C 3 -4.64 -13.02 -47.12
N PHE C 4 -5.58 -12.33 -47.76
CA PHE C 4 -6.12 -11.06 -47.25
C PHE C 4 -7.60 -11.16 -46.89
N LYS C 5 -7.95 -10.63 -45.72
CA LYS C 5 -9.33 -10.62 -45.27
C LYS C 5 -9.89 -9.24 -45.53
N LEU C 6 -11.22 -9.16 -45.62
CA LEU C 6 -11.89 -7.87 -45.66
C LEU C 6 -13.14 -7.96 -44.80
N ALA C 7 -13.21 -7.11 -43.77
CA ALA C 7 -14.36 -7.13 -42.88
C ALA C 7 -15.32 -5.99 -43.20
N ALA C 8 -16.57 -6.34 -43.43
CA ALA C 8 -17.60 -5.38 -43.76
C ALA C 8 -18.40 -5.06 -42.51
N CYS C 9 -18.14 -3.90 -41.91
CA CYS C 9 -18.61 -3.67 -40.55
C CYS C 9 -19.67 -2.60 -40.38
N VAL C 10 -20.84 -3.03 -39.92
CA VAL C 10 -21.90 -2.13 -39.45
C VAL C 10 -21.43 -1.20 -38.34
N THR C 11 -21.51 0.11 -38.54
CA THR C 11 -21.14 1.05 -37.48
C THR C 11 -22.20 1.14 -36.40
N LEU C 12 -21.76 1.27 -35.16
CA LEU C 12 -22.67 1.31 -34.03
C LEU C 12 -22.65 2.66 -33.32
N ASN C 13 -23.83 3.21 -33.09
CA ASN C 13 -23.95 4.37 -32.24
C ASN C 13 -24.37 3.84 -30.89
N CYS C 14 -23.58 4.08 -29.85
CA CYS C 14 -23.96 3.58 -28.54
C CYS C 14 -23.77 4.63 -27.48
N THR C 15 -24.27 4.34 -26.29
CA THR C 15 -24.01 5.17 -25.11
C THR C 15 -24.30 4.41 -23.82
N GLU C 24 -22.14 -0.45 -14.15
CA GLU C 24 -22.29 -1.03 -15.48
C GLU C 24 -22.61 -2.52 -15.45
N THR C 25 -23.83 -2.87 -15.82
CA THR C 25 -24.06 -4.21 -16.35
C THR C 25 -23.54 -4.08 -17.76
N ARG C 26 -22.88 -5.14 -18.23
CA ARG C 26 -22.05 -5.10 -19.45
C ARG C 26 -22.81 -4.76 -20.76
N VAL C 27 -24.11 -4.47 -20.62
CA VAL C 27 -25.01 -4.21 -21.74
C VAL C 27 -24.93 -2.79 -22.28
N LYS C 28 -24.84 -2.63 -23.58
CA LYS C 28 -24.92 -1.30 -24.16
C LYS C 28 -26.05 -1.25 -25.19
N HIS C 29 -26.88 -0.22 -25.11
CA HIS C 29 -27.97 -0.05 -26.08
C HIS C 29 -27.45 0.74 -27.27
N CYS C 30 -27.71 0.25 -28.47
CA CYS C 30 -27.07 0.81 -29.64
C CYS C 30 -27.97 0.86 -30.85
N SER C 31 -27.66 1.77 -31.76
CA SER C 31 -28.43 1.88 -32.98
C SER C 31 -27.51 1.96 -34.18
N PHE C 32 -28.00 1.43 -35.28
CA PHE C 32 -27.21 1.20 -36.49
C PHE C 32 -28.23 1.13 -37.64
N ASN C 33 -27.74 1.26 -38.88
CA ASN C 33 -28.62 1.19 -40.06
C ASN C 33 -28.57 -0.15 -40.78
N ILE C 34 -29.68 -0.88 -40.76
CA ILE C 34 -29.73 -2.16 -41.45
C ILE C 34 -30.26 -2.04 -42.88
N THR C 35 -29.97 -3.06 -43.71
CA THR C 35 -30.49 -3.16 -45.07
C THR C 35 -31.70 -4.08 -45.11
N THR C 36 -32.07 -4.52 -46.33
CA THR C 36 -33.29 -5.31 -46.58
C THR C 36 -34.52 -4.45 -46.25
N ASP C 37 -35.21 -3.91 -47.26
CA ASP C 37 -34.95 -4.14 -48.69
C ASP C 37 -33.63 -3.54 -49.19
N VAL C 38 -33.22 -3.94 -50.40
CA VAL C 38 -31.90 -3.58 -50.95
C VAL C 38 -31.79 -2.07 -51.21
N LYS C 39 -32.88 -1.35 -50.97
CA LYS C 39 -32.85 0.12 -50.97
C LYS C 39 -34.07 0.71 -50.24
N ASP C 40 -34.14 0.46 -48.93
CA ASP C 40 -35.20 1.01 -48.06
C ASP C 40 -35.08 2.53 -47.91
N ARG C 41 -35.40 3.00 -46.71
CA ARG C 41 -35.05 4.35 -46.31
C ARG C 41 -33.74 4.28 -45.56
N LYS C 42 -33.08 3.11 -45.66
CA LYS C 42 -31.96 2.71 -44.81
C LYS C 42 -32.35 2.88 -43.35
N GLN C 43 -32.68 1.76 -42.75
CA GLN C 43 -33.43 1.75 -41.50
C GLN C 43 -32.57 1.87 -40.22
N LYS C 44 -32.71 2.99 -39.49
CA LYS C 44 -32.12 3.10 -38.15
C LYS C 44 -32.90 2.21 -37.18
N VAL C 45 -32.17 1.51 -36.33
CA VAL C 45 -32.74 0.41 -35.56
C VAL C 45 -31.99 0.23 -34.23
N ASN C 46 -32.67 -0.24 -33.18
CA ASN C 46 -32.07 -0.35 -31.84
C ASN C 46 -31.82 -1.77 -31.36
N ALA C 47 -30.57 -2.19 -31.22
CA ALA C 47 -30.28 -3.50 -30.62
C ALA C 47 -29.42 -3.42 -29.35
N THR C 48 -29.56 -4.44 -28.52
CA THR C 48 -28.74 -4.60 -27.32
C THR C 48 -27.40 -5.31 -27.60
N PHE C 49 -26.32 -4.81 -26.99
CA PHE C 49 -24.99 -5.39 -27.17
C PHE C 49 -24.23 -5.67 -25.85
N TYR C 50 -23.16 -6.45 -25.96
CA TYR C 50 -22.31 -6.77 -24.82
C TYR C 50 -21.03 -5.94 -24.92
N ASP C 51 -20.76 -5.11 -23.92
CA ASP C 51 -19.84 -3.99 -24.13
C ASP C 51 -18.49 -4.48 -24.59
N LEU C 52 -18.12 -5.67 -24.14
CA LEU C 52 -16.87 -6.30 -24.52
C LEU C 52 -16.86 -6.79 -25.95
N ASP C 53 -18.01 -6.73 -26.61
CA ASP C 53 -18.13 -7.22 -27.99
C ASP C 53 -17.97 -6.12 -29.04
N ILE C 54 -17.90 -4.86 -28.61
CA ILE C 54 -17.68 -3.75 -29.55
C ILE C 54 -16.35 -3.05 -29.28
N VAL C 55 -15.69 -2.61 -30.35
CA VAL C 55 -14.42 -1.93 -30.23
C VAL C 55 -14.67 -0.49 -30.60
N PRO C 56 -13.90 0.46 -30.02
CA PRO C 56 -14.28 1.85 -30.28
C PRO C 56 -14.00 2.32 -31.72
N LEU C 57 -14.24 3.60 -31.96
CA LEU C 57 -13.84 4.28 -33.17
C LEU C 57 -13.50 5.74 -32.84
N SER C 58 -12.75 6.39 -33.73
CA SER C 58 -12.23 7.73 -33.50
C SER C 58 -13.29 8.85 -33.34
N SER C 59 -14.35 8.58 -32.56
CA SER C 59 -15.44 9.54 -32.33
C SER C 59 -16.06 9.37 -30.93
N SER C 67 -20.23 8.87 -29.58
CA SER C 67 -19.34 7.72 -29.46
C SER C 67 -19.78 6.56 -30.37
N LEU C 68 -18.86 6.15 -31.24
CA LEU C 68 -19.17 5.17 -32.29
C LEU C 68 -18.38 3.88 -32.13
N TYR C 69 -19.00 2.76 -32.50
CA TYR C 69 -18.36 1.45 -32.34
C TYR C 69 -18.56 0.49 -33.50
N ARG C 70 -17.66 -0.49 -33.63
CA ARG C 70 -17.84 -1.63 -34.52
C ARG C 70 -17.83 -2.92 -33.69
N LEU C 71 -18.53 -3.96 -34.16
CA LEU C 71 -18.47 -5.26 -33.53
C LEU C 71 -17.07 -5.85 -33.65
N ILE C 72 -16.75 -6.80 -32.77
CA ILE C 72 -15.45 -7.51 -32.75
C ILE C 72 -15.20 -8.28 -34.03
N SER C 73 -16.17 -9.10 -34.43
CA SER C 73 -16.08 -9.82 -35.68
C SER C 73 -17.12 -9.31 -36.68
N CYS C 74 -16.83 -9.47 -37.97
CA CYS C 74 -17.79 -9.04 -38.98
C CYS C 74 -17.93 -10.08 -40.09
N GLN C 75 -18.80 -9.78 -41.05
CA GLN C 75 -18.88 -10.60 -42.25
C GLN C 75 -17.65 -10.32 -43.09
N THR C 76 -16.87 -11.37 -43.37
CA THR C 76 -15.57 -11.21 -44.03
C THR C 76 -15.46 -11.91 -45.39
N THR C 77 -14.65 -11.33 -46.26
CA THR C 77 -14.35 -11.92 -47.56
C THR C 77 -12.84 -12.12 -47.60
N THR C 78 -12.37 -13.22 -48.16
CA THR C 78 -10.93 -13.44 -48.26
C THR C 78 -10.46 -13.56 -49.70
N THR C 79 -9.40 -12.82 -50.04
CA THR C 79 -8.74 -12.98 -51.33
C THR C 79 -7.41 -13.63 -51.06
N GLU C 80 -6.74 -14.02 -52.14
CA GLU C 80 -5.38 -14.50 -52.05
C GLU C 80 -4.55 -13.75 -53.09
N ALA C 81 -3.99 -12.62 -52.70
CA ALA C 81 -3.36 -11.72 -53.66
C ALA C 81 -1.87 -11.97 -53.84
N VAL C 82 -1.26 -11.17 -54.72
CA VAL C 82 0.16 -11.26 -55.01
C VAL C 82 0.89 -10.26 -54.11
N ASP C 83 0.12 -9.29 -53.63
CA ASP C 83 0.65 -8.16 -52.88
C ASP C 83 -0.52 -7.44 -52.26
N ALA C 84 -0.26 -6.63 -51.25
CA ALA C 84 -1.33 -5.93 -50.56
C ALA C 84 -1.96 -4.89 -51.49
N ALA C 85 -1.18 -4.43 -52.46
CA ALA C 85 -1.66 -3.46 -53.44
C ALA C 85 -2.79 -4.06 -54.27
N THR C 86 -2.54 -5.24 -54.86
CA THR C 86 -3.53 -5.88 -55.71
C THR C 86 -4.77 -6.24 -54.88
N ALA C 87 -4.57 -6.56 -53.62
CA ALA C 87 -5.69 -6.91 -52.76
C ALA C 87 -6.56 -5.68 -52.50
N ALA C 88 -5.94 -4.50 -52.42
CA ALA C 88 -6.70 -3.27 -52.26
C ALA C 88 -7.72 -3.10 -53.39
N LYS C 89 -7.26 -3.19 -54.64
CA LYS C 89 -8.16 -3.13 -55.80
C LYS C 89 -9.29 -4.13 -55.68
N VAL C 90 -8.94 -5.41 -55.58
CA VAL C 90 -9.89 -6.50 -55.50
C VAL C 90 -11.01 -6.27 -54.48
N PHE C 91 -10.67 -5.66 -53.37
CA PHE C 91 -11.68 -5.47 -52.35
C PHE C 91 -12.52 -4.27 -52.72
N LYS C 92 -11.88 -3.18 -53.11
CA LYS C 92 -12.58 -1.97 -53.51
C LYS C 92 -13.51 -2.25 -54.69
N GLN C 93 -13.08 -3.12 -55.59
CA GLN C 93 -13.95 -3.59 -56.66
C GLN C 93 -15.08 -4.44 -56.08
N TYR C 94 -14.73 -5.37 -55.20
CA TYR C 94 -15.74 -6.24 -54.58
C TYR C 94 -16.78 -5.42 -53.83
N ALA C 95 -16.33 -4.32 -53.23
CA ALA C 95 -17.22 -3.45 -52.47
C ALA C 95 -18.14 -2.64 -53.40
N ASN C 96 -17.61 -2.18 -54.53
CA ASN C 96 -18.47 -1.46 -55.46
C ASN C 96 -19.54 -2.39 -55.99
N ASP C 97 -19.20 -3.66 -56.06
CA ASP C 97 -20.07 -4.65 -56.66
C ASP C 97 -21.26 -5.02 -55.78
N ASN C 98 -21.27 -4.60 -54.52
CA ASN C 98 -22.30 -5.09 -53.61
C ASN C 98 -22.96 -4.03 -52.70
N GLY C 99 -22.42 -2.81 -52.70
CA GLY C 99 -23.05 -1.69 -52.01
C GLY C 99 -22.33 -1.42 -50.72
N ILE C 100 -21.00 -1.40 -50.82
CA ILE C 100 -20.16 -1.27 -49.66
C ILE C 100 -19.29 -0.04 -49.79
N ASP C 101 -19.65 0.98 -49.04
CA ASP C 101 -18.91 2.23 -49.03
C ASP C 101 -18.74 2.66 -47.58
N GLY C 102 -17.55 3.10 -47.24
CA GLY C 102 -17.26 3.50 -45.88
C GLY C 102 -15.78 3.78 -45.69
N GLU C 103 -15.34 3.68 -44.44
CA GLU C 103 -13.95 3.97 -44.11
C GLU C 103 -13.03 2.82 -44.45
N TRP C 104 -12.05 3.11 -45.30
CA TRP C 104 -11.09 2.11 -45.70
C TRP C 104 -9.82 2.20 -44.87
N THR C 105 -9.76 1.36 -43.85
CA THR C 105 -8.57 1.20 -43.02
C THR C 105 -8.00 -0.20 -43.26
N TYR C 106 -6.75 -0.42 -42.84
CA TYR C 106 -6.04 -1.65 -43.13
C TYR C 106 -4.89 -1.90 -42.17
N ASP C 107 -4.66 -3.17 -41.85
CA ASP C 107 -3.65 -3.57 -40.87
C ASP C 107 -2.54 -4.40 -41.52
N ASP C 108 -1.28 -4.12 -41.17
CA ASP C 108 -0.18 -4.85 -41.78
C ASP C 108 0.13 -6.14 -41.01
N ALA C 109 -0.62 -6.35 -39.93
CA ALA C 109 -0.41 -7.53 -39.11
C ALA C 109 -1.60 -8.49 -39.21
N THR C 110 -2.78 -7.95 -39.48
CA THR C 110 -3.95 -8.77 -39.72
C THR C 110 -4.08 -9.07 -41.21
N LYS C 111 -3.42 -8.24 -42.01
CA LYS C 111 -3.59 -8.26 -43.46
C LYS C 111 -5.08 -8.14 -43.79
N THR C 112 -5.78 -7.29 -43.05
CA THR C 112 -7.22 -7.26 -43.07
C THR C 112 -7.79 -5.88 -43.31
N PHE C 113 -8.61 -5.76 -44.33
CA PHE C 113 -9.28 -4.52 -44.67
C PHE C 113 -10.64 -4.43 -44.00
N THR C 114 -10.85 -3.36 -43.24
CA THR C 114 -12.12 -3.17 -42.56
C THR C 114 -12.84 -2.00 -43.20
N VAL C 115 -14.09 -2.23 -43.55
CA VAL C 115 -14.97 -1.18 -44.01
C VAL C 115 -16.10 -0.98 -43.01
N THR C 116 -16.32 0.28 -42.64
CA THR C 116 -17.41 0.61 -41.73
C THR C 116 -18.58 1.27 -42.47
N GLU C 117 -19.73 0.59 -42.48
CA GLU C 117 -20.89 1.08 -43.22
C GLU C 117 -21.90 1.77 -42.28
N GLY C 118 -22.93 2.39 -42.87
CA GLY C 118 -24.01 3.00 -42.11
C GLY C 118 -24.04 4.51 -42.21
N ASP D 1 -22.63 0.82 32.63
CA ASP D 1 -21.84 1.33 31.50
C ASP D 1 -21.10 2.62 31.87
N THR D 2 -19.79 2.52 31.98
CA THR D 2 -19.00 3.65 32.46
C THR D 2 -18.87 4.75 31.41
N VAL D 3 -19.06 5.98 31.85
CA VAL D 3 -18.97 7.13 30.98
C VAL D 3 -17.77 7.99 31.37
N MET D 4 -16.97 8.36 30.37
CA MET D 4 -15.81 9.21 30.57
C MET D 4 -16.08 10.62 30.08
N THR D 5 -15.33 11.60 30.59
CA THR D 5 -15.63 13.01 30.34
C THR D 5 -14.39 13.89 30.48
N GLN D 6 -13.84 14.38 29.38
CA GLN D 6 -12.65 15.23 29.51
C GLN D 6 -13.10 16.68 29.59
N SER D 7 -12.23 17.57 30.08
CA SER D 7 -12.72 18.85 30.56
C SER D 7 -12.51 20.09 29.68
N PRO D 8 -11.26 20.36 29.25
CA PRO D 8 -11.22 21.65 28.57
C PRO D 8 -11.60 21.57 27.07
N ALA D 9 -11.88 20.37 26.55
CA ALA D 9 -12.27 20.21 25.13
C ALA D 9 -11.24 20.84 24.18
N THR D 10 -11.06 22.15 24.25
CA THR D 10 -9.95 22.78 23.52
C THR D 10 -9.03 23.55 24.46
N LEU D 11 -7.74 23.46 24.21
CA LEU D 11 -6.77 24.15 25.04
C LEU D 11 -5.70 24.74 24.16
N SER D 12 -5.37 26.01 24.39
CA SER D 12 -4.41 26.69 23.55
C SER D 12 -3.27 27.28 24.37
N VAL D 13 -2.08 26.67 24.32
CA VAL D 13 -1.02 26.99 25.27
C VAL D 13 0.33 27.25 24.61
N SER D 14 1.08 28.22 25.12
CA SER D 14 2.40 28.53 24.60
C SER D 14 3.35 27.37 24.84
N PRO D 15 4.35 27.20 23.97
CA PRO D 15 5.27 26.07 24.12
C PRO D 15 6.14 26.27 25.36
N GLY D 16 6.85 25.24 25.80
CA GLY D 16 7.64 25.35 27.01
C GLY D 16 6.82 25.30 28.30
N GLU D 17 5.54 25.65 28.22
CA GLU D 17 4.66 25.69 29.39
C GLU D 17 4.16 24.34 29.82
N ARG D 18 3.60 24.29 31.02
CA ARG D 18 3.00 23.08 31.57
C ARG D 18 1.49 23.18 31.39
N VAL D 19 0.84 22.06 31.10
CA VAL D 19 -0.60 22.04 30.88
C VAL D 19 -1.23 20.79 31.48
N THR D 20 -2.42 20.92 32.06
CA THR D 20 -3.05 19.77 32.71
C THR D 20 -4.44 19.42 32.19
N LEU D 21 -4.56 18.25 31.59
CA LEU D 21 -5.82 17.75 31.06
C LEU D 21 -6.49 16.82 32.07
N SER D 22 -7.81 16.92 32.17
CA SER D 22 -8.58 16.12 33.12
C SER D 22 -9.44 15.05 32.45
N CYS D 23 -9.52 13.88 33.09
CA CYS D 23 -10.48 12.82 32.74
C CYS D 23 -11.38 12.58 33.94
N ARG D 24 -12.63 12.17 33.70
CA ARG D 24 -13.52 11.96 34.83
C ARG D 24 -14.53 10.87 34.60
N ALA D 25 -14.37 9.76 35.32
CA ALA D 25 -15.28 8.63 35.19
C ALA D 25 -16.56 8.83 35.98
N SER D 26 -17.67 8.37 35.43
CA SER D 26 -18.96 8.40 36.09
C SER D 26 -19.15 7.22 37.05
N GLN D 27 -18.08 6.45 37.27
CA GLN D 27 -18.10 5.25 38.12
C GLN D 27 -16.68 4.96 38.54
N ILE D 28 -16.48 4.52 39.79
CA ILE D 28 -15.14 4.21 40.27
C ILE D 28 -14.45 3.16 39.38
N ILE D 29 -13.24 3.46 38.96
CA ILE D 29 -12.53 2.59 38.04
C ILE D 29 -11.12 2.48 38.55
N ASN D 30 -10.97 2.79 39.83
CA ASN D 30 -9.70 2.57 40.53
C ASN D 30 -8.57 3.29 39.85
N THR D 31 -7.76 2.51 39.13
CA THR D 31 -6.55 3.00 38.55
C THR D 31 -6.40 2.40 37.14
N ASN D 32 -7.50 1.83 36.62
CA ASN D 32 -7.53 1.28 35.27
C ASN D 32 -7.78 2.37 34.24
N LEU D 33 -6.80 3.22 34.03
CA LEU D 33 -7.07 4.39 33.23
C LEU D 33 -5.91 4.64 32.31
N ALA D 34 -6.19 4.71 31.01
CA ALA D 34 -5.15 4.95 30.02
C ALA D 34 -5.40 6.23 29.24
N TRP D 35 -4.30 6.87 28.88
CA TRP D 35 -4.31 8.08 28.10
C TRP D 35 -3.66 7.84 26.77
N TYR D 36 -4.33 8.27 25.69
CA TYR D 36 -3.74 8.23 24.37
C TYR D 36 -3.55 9.62 23.81
N GLN D 37 -2.56 9.74 22.95
CA GLN D 37 -2.37 10.94 22.17
C GLN D 37 -2.77 10.62 20.72
N LYS D 38 -3.47 11.53 20.05
CA LYS D 38 -3.78 11.32 18.64
C LYS D 38 -3.24 12.45 17.81
N ARG D 39 -2.03 12.29 17.27
CA ARG D 39 -1.47 13.30 16.39
C ARG D 39 -2.26 13.29 15.09
N PRO D 40 -2.34 14.47 14.42
CA PRO D 40 -2.92 14.76 13.10
C PRO D 40 -3.31 13.55 12.27
N GLY D 41 -2.43 13.13 11.37
CA GLY D 41 -2.75 12.00 10.50
C GLY D 41 -2.09 10.71 10.93
N GLN D 42 -2.10 10.45 12.23
CA GLN D 42 -1.45 9.27 12.75
C GLN D 42 -2.44 8.48 13.61
N ALA D 43 -2.06 7.24 13.94
CA ALA D 43 -2.89 6.43 14.82
C ALA D 43 -2.65 6.87 16.25
N PRO D 44 -3.67 6.72 17.11
CA PRO D 44 -3.46 7.08 18.51
C PRO D 44 -2.38 6.21 19.13
N ARG D 45 -1.45 6.83 19.85
CA ARG D 45 -0.36 6.14 20.51
C ARG D 45 -0.62 6.15 22.01
N LEU D 46 -0.07 5.16 22.70
CA LEU D 46 -0.33 4.97 24.13
C LEU D 46 0.65 5.79 24.92
N LEU D 47 0.14 6.59 25.84
CA LEU D 47 0.97 7.43 26.71
C LEU D 47 1.16 6.84 28.12
N ILE D 48 0.03 6.60 28.77
CA ILE D 48 -0.07 6.25 30.17
C ILE D 48 -1.04 5.08 30.31
N TYR D 49 -0.61 4.00 30.99
CA TYR D 49 -1.55 2.98 31.43
C TYR D 49 -1.51 2.97 32.92
N ALA D 50 -2.45 2.22 33.49
CA ALA D 50 -2.46 1.99 34.93
C ALA D 50 -2.53 3.31 35.63
N ALA D 51 -3.32 4.21 35.05
CA ALA D 51 -3.52 5.55 35.57
C ALA D 51 -2.24 6.38 35.81
N SER D 52 -1.06 5.79 35.78
CA SER D 52 0.11 6.66 36.00
C SER D 52 1.44 6.15 35.45
N ALA D 53 1.42 5.01 34.79
CA ALA D 53 2.63 4.44 34.23
C ALA D 53 2.90 4.90 32.80
N ARG D 54 4.12 5.38 32.53
CA ARG D 54 4.58 5.66 31.17
C ARG D 54 4.82 4.41 30.33
N ALA D 55 4.25 4.36 29.14
CA ALA D 55 4.58 3.34 28.15
C ALA D 55 5.97 3.62 27.52
N THR D 56 6.53 2.68 26.77
CA THR D 56 7.92 2.86 26.35
C THR D 56 8.03 3.88 25.23
N GLY D 57 9.19 4.52 25.15
CA GLY D 57 9.40 5.63 24.22
C GLY D 57 8.92 6.95 24.81
N ILE D 58 7.71 6.93 25.34
CA ILE D 58 7.09 8.07 25.99
C ILE D 58 8.00 8.80 26.98
N PRO D 59 8.33 10.07 26.66
CA PRO D 59 9.16 10.98 27.45
C PRO D 59 8.68 11.23 28.88
N ALA D 60 9.63 11.51 29.77
CA ALA D 60 9.34 11.75 31.18
C ALA D 60 8.53 13.01 31.39
N ARG D 61 8.48 13.85 30.36
CA ARG D 61 7.73 15.11 30.43
C ARG D 61 6.21 14.84 30.40
N PHE D 62 5.86 13.60 30.04
CA PHE D 62 4.48 13.12 30.12
C PHE D 62 4.23 12.43 31.46
N SER D 63 3.16 12.82 32.13
CA SER D 63 2.93 12.44 33.52
C SER D 63 1.47 12.17 33.82
N GLY D 64 1.11 10.90 33.81
CA GLY D 64 -0.20 10.50 34.30
C GLY D 64 -0.25 10.48 35.81
N SER D 65 -1.46 10.74 36.32
CA SER D 65 -1.77 10.64 37.74
C SER D 65 -3.29 10.59 37.91
N GLY D 66 -3.73 10.58 39.16
CA GLY D 66 -5.13 10.42 39.49
C GLY D 66 -5.44 9.03 40.01
N SER D 67 -6.69 8.87 40.48
CA SER D 67 -7.26 7.57 40.86
C SER D 67 -8.66 7.79 41.35
N GLY D 68 -9.46 6.74 41.34
CA GLY D 68 -10.83 6.85 41.78
C GLY D 68 -11.79 7.30 40.70
N THR D 69 -11.82 8.61 40.46
CA THR D 69 -12.76 9.12 39.47
C THR D 69 -12.21 10.36 38.78
N GLU D 70 -11.35 11.11 39.45
CA GLU D 70 -10.67 12.19 38.77
C GLU D 70 -9.27 11.72 38.40
N PHE D 71 -8.87 11.94 37.14
CA PHE D 71 -7.51 11.64 36.74
C PHE D 71 -6.88 12.85 36.06
N THR D 72 -5.61 12.72 35.69
CA THR D 72 -4.88 13.87 35.19
C THR D 72 -3.70 13.50 34.31
N LEU D 73 -3.69 14.08 33.11
CA LEU D 73 -2.53 13.97 32.25
C LEU D 73 -1.86 15.31 32.28
N THR D 74 -0.55 15.32 32.51
CA THR D 74 0.19 16.57 32.64
C THR D 74 1.39 16.56 31.73
N ILE D 75 1.38 17.43 30.70
CA ILE D 75 2.56 17.59 29.88
C ILE D 75 3.31 18.80 30.42
N SER D 76 4.63 18.77 30.34
CA SER D 76 5.42 19.78 31.01
C SER D 76 6.62 20.15 30.17
N GLY D 77 6.61 21.35 29.62
CA GLY D 77 7.69 21.78 28.75
C GLY D 77 7.23 21.57 27.34
N LEU D 78 5.97 21.96 27.10
CA LEU D 78 5.24 21.75 25.85
C LEU D 78 6.07 21.92 24.58
N GLN D 79 6.04 20.89 23.76
CA GLN D 79 6.68 20.91 22.45
C GLN D 79 5.69 21.18 21.33
N SER D 80 6.19 21.67 20.20
CA SER D 80 5.37 21.85 19.03
C SER D 80 4.65 20.55 18.70
N GLU D 81 5.38 19.44 18.91
CA GLU D 81 4.89 18.08 18.62
C GLU D 81 3.67 17.70 19.43
N ASP D 82 3.47 18.42 20.52
CA ASP D 82 2.48 17.98 21.45
C ASP D 82 1.11 18.42 21.02
N SER D 83 1.05 19.24 19.96
CA SER D 83 -0.24 19.56 19.36
C SER D 83 -0.93 18.30 18.91
N ALA D 84 -2.05 17.98 19.54
CA ALA D 84 -2.86 16.85 19.15
C ALA D 84 -4.07 16.79 20.02
N VAL D 85 -4.84 15.72 19.87
CA VAL D 85 -5.97 15.47 20.76
C VAL D 85 -5.61 14.36 21.72
N TYR D 86 -5.97 14.48 23.00
CA TYR D 86 -5.66 13.43 23.97
C TYR D 86 -6.93 12.77 24.48
N TYR D 87 -7.01 11.45 24.27
CA TYR D 87 -8.14 10.68 24.73
C TYR D 87 -7.78 9.84 25.94
N CYS D 88 -8.78 9.63 26.79
CA CYS D 88 -8.63 8.82 27.99
C CYS D 88 -9.54 7.60 27.92
N GLN D 89 -9.00 6.43 28.25
CA GLN D 89 -9.76 5.16 28.22
C GLN D 89 -9.75 4.40 29.56
N GLN D 90 -10.95 4.11 30.05
CA GLN D 90 -11.11 3.36 31.29
C GLN D 90 -11.20 1.88 31.00
N TYR D 91 -10.77 1.03 31.94
CA TYR D 91 -10.90 -0.41 31.73
C TYR D 91 -11.14 -1.22 33.01
N LYS D 92 -12.13 -0.79 33.78
CA LYS D 92 -12.61 -1.59 34.89
C LYS D 92 -13.94 -2.22 34.50
N HIS D 93 -14.93 -1.41 34.14
CA HIS D 93 -16.25 -1.90 33.78
C HIS D 93 -16.40 -2.15 32.28
N TRP D 94 -16.50 -3.41 31.92
CA TRP D 94 -16.48 -3.82 30.53
C TRP D 94 -17.01 -5.24 30.39
N PRO D 95 -17.58 -5.58 29.22
CA PRO D 95 -17.73 -4.77 28.00
C PRO D 95 -18.88 -3.78 28.05
N PRO D 96 -18.67 -2.60 27.45
CA PRO D 96 -17.44 -2.29 26.73
C PRO D 96 -16.53 -1.30 27.43
N TYR D 97 -15.24 -1.33 27.11
CA TYR D 97 -14.33 -0.25 27.46
C TYR D 97 -14.88 1.03 26.86
N THR D 98 -14.54 2.16 27.45
CA THR D 98 -15.13 3.43 27.06
C THR D 98 -14.07 4.53 26.96
N PHE D 99 -14.21 5.43 25.98
CA PHE D 99 -13.29 6.56 25.90
C PHE D 99 -13.95 7.88 26.25
N GLY D 100 -13.12 8.92 26.31
CA GLY D 100 -13.58 10.27 26.51
C GLY D 100 -13.71 10.91 25.15
N ARG D 101 -14.48 11.97 25.05
CA ARG D 101 -14.68 12.59 23.75
C ARG D 101 -13.45 13.42 23.36
N GLY D 102 -12.36 13.27 24.09
CA GLY D 102 -11.10 13.90 23.73
C GLY D 102 -10.96 15.34 24.20
N THR D 103 -9.72 15.82 24.25
CA THR D 103 -9.45 17.23 24.40
C THR D 103 -8.34 17.64 23.44
N LYS D 104 -8.69 18.59 22.58
CA LYS D 104 -7.79 19.06 21.55
C LYS D 104 -6.84 20.04 22.21
N LEU D 105 -5.56 19.95 21.89
CA LEU D 105 -4.62 20.90 22.43
C LEU D 105 -3.87 21.56 21.30
N GLU D 106 -3.73 22.87 21.38
CA GLU D 106 -3.06 23.65 20.34
C GLU D 106 -1.91 24.43 20.92
N ILE D 107 -0.72 24.21 20.38
CA ILE D 107 0.45 24.95 20.81
C ILE D 107 0.33 26.34 20.26
N ARG D 108 0.19 27.36 21.10
CA ARG D 108 0.00 28.68 20.54
C ARG D 108 1.32 29.47 20.45
N ARG D 109 2.07 29.22 19.39
CA ARG D 109 3.28 29.99 19.09
C ARG D 109 3.04 31.46 18.78
N THR D 110 4.09 32.12 18.31
CA THR D 110 3.98 33.52 17.92
C THR D 110 3.35 33.70 16.53
N VAL D 111 2.84 34.92 16.31
CA VAL D 111 2.15 35.28 15.09
C VAL D 111 3.07 35.19 13.90
N ALA D 112 2.56 34.65 12.79
CA ALA D 112 3.31 34.58 11.54
C ALA D 112 2.46 35.03 10.39
N ALA D 113 3.02 35.87 9.52
CA ALA D 113 2.34 36.31 8.31
C ALA D 113 2.31 35.17 7.31
N PRO D 114 1.21 35.06 6.54
CA PRO D 114 1.10 34.09 5.45
C PRO D 114 2.08 34.36 4.31
N SER D 115 2.17 33.42 3.39
CA SER D 115 2.83 33.71 2.14
C SER D 115 1.90 33.29 1.04
N VAL D 116 1.42 34.29 0.29
CA VAL D 116 0.37 34.06 -0.69
C VAL D 116 0.88 33.74 -2.11
N PHE D 117 0.19 32.80 -2.73
CA PHE D 117 0.47 32.42 -4.08
C PHE D 117 -0.84 32.18 -4.75
N ILE D 118 -0.97 32.51 -6.03
CA ILE D 118 -2.20 32.17 -6.71
C ILE D 118 -1.89 31.37 -7.96
N PHE D 119 -2.73 30.36 -8.21
CA PHE D 119 -2.51 29.41 -9.28
C PHE D 119 -3.61 29.46 -10.31
N PRO D 120 -3.23 29.81 -11.55
CA PRO D 120 -4.20 29.86 -12.64
C PRO D 120 -4.50 28.45 -13.12
N PRO D 121 -5.71 28.24 -13.68
CA PRO D 121 -6.13 26.92 -14.15
C PRO D 121 -5.13 26.29 -15.11
N SER D 122 -4.97 24.99 -15.02
CA SER D 122 -4.23 24.26 -16.03
C SER D 122 -5.10 24.19 -17.27
N ASP D 123 -4.47 24.32 -18.44
CA ASP D 123 -5.19 24.14 -19.67
C ASP D 123 -5.80 22.75 -19.69
N GLU D 124 -5.04 21.77 -19.23
CA GLU D 124 -5.50 20.41 -19.11
C GLU D 124 -6.91 20.37 -18.47
N GLN D 125 -7.12 21.24 -17.48
CA GLN D 125 -8.40 21.30 -16.80
C GLN D 125 -9.39 22.13 -17.58
N LEU D 126 -8.87 23.21 -18.18
CA LEU D 126 -9.63 24.05 -19.11
C LEU D 126 -10.36 23.22 -20.15
N LYS D 127 -9.59 22.42 -20.88
CA LYS D 127 -10.03 21.54 -21.96
C LYS D 127 -11.51 21.24 -21.98
N SER D 128 -11.88 20.06 -21.47
CA SER D 128 -13.29 19.68 -21.46
C SER D 128 -13.76 19.71 -20.02
N GLY D 129 -12.80 19.91 -19.12
CA GLY D 129 -13.18 20.20 -17.77
C GLY D 129 -13.73 21.63 -17.72
N THR D 130 -13.69 22.19 -16.51
CA THR D 130 -13.94 23.61 -16.33
C THR D 130 -12.67 24.26 -15.78
N ALA D 131 -12.85 25.30 -14.96
CA ALA D 131 -11.73 26.08 -14.46
C ALA D 131 -11.79 26.28 -12.96
N SER D 132 -10.72 25.92 -12.26
CA SER D 132 -10.66 26.17 -10.83
C SER D 132 -9.36 26.85 -10.49
N VAL D 133 -9.46 28.00 -9.84
CA VAL D 133 -8.30 28.78 -9.46
C VAL D 133 -8.17 28.83 -7.93
N VAL D 134 -6.95 28.56 -7.45
CA VAL D 134 -6.65 28.42 -6.03
C VAL D 134 -5.60 29.43 -5.57
N CYS D 135 -5.74 29.92 -4.34
CA CYS D 135 -4.63 30.58 -3.68
C CYS D 135 -4.28 29.86 -2.38
N LEU D 136 -3.02 30.03 -1.99
CA LEU D 136 -2.41 29.21 -0.98
C LEU D 136 -1.86 30.13 0.07
N LEU D 137 -2.20 29.88 1.33
CA LEU D 137 -1.64 30.64 2.44
C LEU D 137 -0.64 29.78 3.20
N ASN D 138 0.64 29.97 2.97
CA ASN D 138 1.61 29.07 3.57
C ASN D 138 2.17 29.52 4.94
N ASN D 139 2.06 28.63 5.93
CA ASN D 139 2.78 28.73 7.19
C ASN D 139 2.48 29.94 8.04
N PHE D 140 1.35 29.92 8.73
CA PHE D 140 0.93 31.10 9.48
C PHE D 140 0.19 30.78 10.77
N TYR D 141 0.34 31.68 11.76
CA TYR D 141 -0.36 31.55 13.03
C TYR D 141 -0.88 32.94 13.39
N PRO D 142 -2.09 33.02 13.98
CA PRO D 142 -3.07 31.98 14.32
C PRO D 142 -3.69 31.40 13.07
N ARG D 143 -4.70 30.54 13.19
CA ARG D 143 -5.23 29.88 12.00
C ARG D 143 -6.24 30.77 11.27
N GLU D 144 -6.74 31.80 11.95
CA GLU D 144 -7.76 32.65 11.34
C GLU D 144 -7.16 33.50 10.23
N ALA D 145 -7.68 33.28 9.02
CA ALA D 145 -7.40 34.13 7.88
C ALA D 145 -8.73 34.55 7.26
N LYS D 146 -8.69 35.48 6.31
CA LYS D 146 -9.84 35.76 5.44
C LYS D 146 -9.39 35.92 4.01
N VAL D 147 -10.03 35.15 3.13
CA VAL D 147 -9.73 35.19 1.71
C VAL D 147 -10.82 35.88 0.95
N GLN D 148 -10.45 36.95 0.24
CA GLN D 148 -11.36 37.62 -0.68
C GLN D 148 -10.95 37.33 -2.12
N TRP D 149 -11.87 36.69 -2.81
CA TRP D 149 -11.83 36.49 -4.25
C TRP D 149 -12.44 37.66 -5.00
N LYS D 150 -11.60 38.42 -5.71
CA LYS D 150 -12.16 39.46 -6.59
C LYS D 150 -11.63 39.34 -8.02
N VAL D 151 -12.55 39.18 -8.96
CA VAL D 151 -12.19 39.11 -10.37
C VAL D 151 -12.76 40.30 -11.15
N ASP D 152 -11.87 40.98 -11.89
CA ASP D 152 -12.19 42.28 -12.49
C ASP D 152 -12.78 43.15 -11.37
N ASN D 153 -12.05 43.23 -10.26
CA ASN D 153 -12.47 43.94 -9.05
C ASN D 153 -13.91 43.68 -8.60
N ALA D 154 -14.45 42.51 -8.91
CA ALA D 154 -15.77 42.14 -8.40
C ALA D 154 -15.68 41.12 -7.22
N LEU D 155 -16.40 41.43 -6.14
CA LEU D 155 -16.46 40.55 -4.99
C LEU D 155 -17.26 39.27 -5.27
N GLN D 156 -16.54 38.14 -5.30
CA GLN D 156 -17.13 36.83 -5.51
C GLN D 156 -17.80 36.32 -4.26
N SER D 157 -18.66 35.32 -4.43
CA SER D 157 -19.40 34.78 -3.30
C SER D 157 -20.17 33.51 -3.69
N GLY D 158 -20.05 32.48 -2.86
CA GLY D 158 -20.83 31.27 -3.04
C GLY D 158 -20.15 30.24 -3.92
N ASN D 159 -19.02 30.64 -4.50
CA ASN D 159 -18.32 29.80 -5.45
C ASN D 159 -16.89 29.46 -5.02
N SER D 160 -16.59 29.65 -3.74
CA SER D 160 -15.27 29.28 -3.20
C SER D 160 -15.41 28.29 -2.03
N GLN D 161 -14.40 27.43 -1.92
CA GLN D 161 -14.27 26.49 -0.82
C GLN D 161 -12.84 26.55 -0.32
N GLU D 162 -12.66 26.47 1.01
CA GLU D 162 -11.29 26.38 1.52
C GLU D 162 -11.05 25.17 2.43
N SER D 163 -9.81 24.70 2.43
CA SER D 163 -9.41 23.70 3.41
C SER D 163 -8.21 24.22 4.19
N VAL D 164 -8.24 23.98 5.50
CA VAL D 164 -7.12 24.28 6.40
C VAL D 164 -6.45 23.01 6.90
N THR D 165 -5.12 23.00 6.88
CA THR D 165 -4.37 21.88 7.41
C THR D 165 -4.37 21.88 8.95
N GLU D 166 -4.01 20.72 9.51
CA GLU D 166 -3.88 20.60 10.95
C GLU D 166 -2.58 21.25 11.37
N GLN D 167 -2.51 21.75 12.61
CA GLN D 167 -1.34 22.52 13.06
C GLN D 167 -0.01 21.76 12.85
N ASP D 168 1.00 22.41 12.32
CA ASP D 168 2.17 21.69 11.84
C ASP D 168 3.04 21.24 12.97
N SER D 169 3.18 19.93 13.13
CA SER D 169 3.88 19.35 14.27
C SER D 169 5.31 19.88 14.46
N LYS D 170 5.88 20.47 13.40
CA LYS D 170 7.26 20.92 13.52
C LYS D 170 7.42 22.44 13.77
N ASP D 171 6.51 23.28 13.22
CA ASP D 171 6.56 24.74 13.46
C ASP D 171 5.23 25.38 13.94
N SER D 172 4.37 24.56 14.55
CA SER D 172 3.10 25.01 15.17
C SER D 172 2.27 25.94 14.29
N THR D 173 2.34 25.73 12.99
CA THR D 173 1.91 26.66 11.97
C THR D 173 0.65 26.20 11.25
N TYR D 174 -0.03 27.06 10.49
CA TYR D 174 -1.15 26.59 9.66
C TYR D 174 -1.06 26.98 8.17
N SER D 175 -1.87 26.33 7.34
CA SER D 175 -1.89 26.57 5.89
C SER D 175 -3.31 26.47 5.33
N LEU D 176 -3.70 27.45 4.53
CA LEU D 176 -5.04 27.54 3.92
C LEU D 176 -4.98 27.45 2.40
N SER D 177 -5.96 26.75 1.82
CA SER D 177 -6.16 26.83 0.38
C SER D 177 -7.62 27.18 0.11
N SER D 178 -7.84 28.36 -0.47
CA SER D 178 -9.17 28.74 -1.00
C SER D 178 -9.14 28.48 -2.47
N THR D 179 -10.23 27.94 -2.99
CA THR D 179 -10.27 27.55 -4.41
C THR D 179 -11.53 28.04 -5.14
N LEU D 180 -11.32 28.88 -6.16
CA LEU D 180 -12.44 29.38 -6.96
C LEU D 180 -12.75 28.44 -8.12
N THR D 181 -13.97 27.95 -8.15
CA THR D 181 -14.42 27.01 -9.17
C THR D 181 -15.48 27.64 -10.07
N LEU D 182 -15.13 27.80 -11.34
CA LEU D 182 -16.03 28.37 -12.34
C LEU D 182 -15.95 27.59 -13.65
N SER D 183 -16.94 27.84 -14.51
CA SER D 183 -17.01 27.22 -15.83
C SER D 183 -16.10 27.93 -16.82
N LYS D 184 -15.64 27.20 -17.84
CA LYS D 184 -14.86 27.79 -18.93
C LYS D 184 -15.55 29.04 -19.50
N ALA D 185 -16.88 29.02 -19.58
CA ALA D 185 -17.68 30.18 -19.95
C ALA D 185 -17.34 31.41 -19.11
N ASP D 186 -17.60 31.32 -17.82
CA ASP D 186 -17.44 32.45 -16.93
C ASP D 186 -16.01 32.84 -16.75
N TYR D 187 -15.10 31.86 -16.82
CA TYR D 187 -13.69 32.16 -16.65
C TYR D 187 -13.12 32.88 -17.87
N GLU D 188 -13.53 32.42 -19.05
CA GLU D 188 -12.95 32.95 -20.27
C GLU D 188 -13.35 34.40 -20.45
N LYS D 189 -14.48 34.79 -19.88
CA LYS D 189 -15.00 36.13 -20.10
C LYS D 189 -14.50 37.26 -19.17
N HIS D 190 -13.34 37.08 -18.51
CA HIS D 190 -12.84 38.09 -17.54
C HIS D 190 -11.32 38.28 -17.58
N LYS D 191 -10.80 39.37 -17.02
CA LYS D 191 -9.35 39.66 -17.18
C LYS D 191 -8.46 39.36 -15.99
N VAL D 192 -8.55 40.21 -14.96
CA VAL D 192 -7.73 40.04 -13.76
C VAL D 192 -8.45 39.24 -12.66
N TYR D 193 -7.73 38.25 -12.15
CA TYR D 193 -8.15 37.48 -10.97
C TYR D 193 -7.22 37.70 -9.80
N ALA D 194 -7.78 38.05 -8.64
CA ALA D 194 -6.96 38.31 -7.47
C ALA D 194 -7.45 37.63 -6.18
N CYS D 195 -6.48 37.13 -5.42
CA CYS D 195 -6.73 36.63 -4.08
C CYS D 195 -6.38 37.70 -3.08
N GLU D 196 -7.37 38.12 -2.28
CA GLU D 196 -7.14 39.21 -1.34
C GLU D 196 -6.96 38.71 0.10
N VAL D 197 -5.71 38.56 0.53
CA VAL D 197 -5.46 37.92 1.84
C VAL D 197 -5.28 38.94 2.96
N THR D 198 -6.26 39.04 3.85
CA THR D 198 -6.08 39.80 5.08
C THR D 198 -5.71 38.83 6.23
N HIS D 199 -4.72 39.19 7.05
CA HIS D 199 -4.38 38.37 8.21
C HIS D 199 -3.77 39.15 9.39
N GLN D 200 -3.95 38.63 10.60
CA GLN D 200 -3.49 39.29 11.81
C GLN D 200 -2.00 39.60 11.73
N GLY D 201 -1.25 38.75 11.05
CA GLY D 201 0.17 38.97 10.90
C GLY D 201 0.47 39.99 9.82
N LEU D 202 -0.59 40.48 9.17
CA LEU D 202 -0.45 41.40 8.03
C LEU D 202 -0.93 42.80 8.36
N SER D 203 -0.01 43.76 8.29
CA SER D 203 -0.37 45.18 8.41
C SER D 203 -1.34 45.57 7.31
N SER D 204 -0.87 45.55 6.06
CA SER D 204 -1.74 45.82 4.91
C SER D 204 -2.06 44.50 4.22
N PRO D 205 -3.23 44.42 3.54
CA PRO D 205 -3.65 43.18 2.88
C PRO D 205 -2.68 42.73 1.82
N VAL D 206 -2.58 41.43 1.63
CA VAL D 206 -1.77 40.93 0.55
C VAL D 206 -2.71 40.48 -0.54
N THR D 207 -2.37 40.88 -1.76
CA THR D 207 -3.21 40.63 -2.90
C THR D 207 -2.34 40.10 -4.00
N LYS D 208 -2.26 38.78 -4.08
CA LYS D 208 -1.49 38.14 -5.15
C LYS D 208 -2.42 37.96 -6.35
N SER D 209 -1.87 38.11 -7.56
CA SER D 209 -2.74 38.08 -8.74
C SER D 209 -2.08 37.85 -10.09
N PHE D 210 -2.94 37.68 -11.08
CA PHE D 210 -2.54 37.38 -12.44
C PHE D 210 -3.65 37.82 -13.40
N ASN D 211 -3.30 38.13 -14.64
CA ASN D 211 -4.29 38.13 -15.71
C ASN D 211 -3.74 37.39 -16.93
N ARG D 212 -4.61 36.53 -17.46
CA ARG D 212 -4.36 35.57 -18.54
C ARG D 212 -3.21 35.89 -19.52
N GLY D 213 -2.14 35.09 -19.41
CA GLY D 213 -0.95 35.28 -20.24
C GLY D 213 0.31 35.63 -19.46
N GLU D 214 1.27 34.71 -19.46
CA GLU D 214 2.59 34.95 -18.86
C GLU D 214 3.67 34.22 -19.68
N CYS D 215 4.67 33.65 -19.02
CA CYS D 215 5.79 32.96 -19.70
C CYS D 215 5.39 31.59 -20.25
N GLN E 1 9.06 -4.31 17.82
CA GLN E 1 9.23 -4.55 16.39
C GLN E 1 7.93 -4.99 15.75
N VAL E 2 7.00 -5.44 16.57
CA VAL E 2 5.66 -5.78 16.08
C VAL E 2 5.02 -4.58 15.40
N GLN E 3 4.63 -4.77 14.16
CA GLN E 3 3.86 -3.77 13.45
C GLN E 3 2.55 -4.42 13.04
N LEU E 4 1.51 -3.60 12.91
CA LEU E 4 0.21 -4.11 12.53
C LEU E 4 -0.13 -3.65 11.11
N GLN E 5 -0.61 -4.54 10.25
CA GLN E 5 -0.97 -4.11 8.90
C GLN E 5 -2.35 -4.57 8.50
N GLN E 6 -3.17 -3.65 8.02
CA GLN E 6 -4.54 -4.00 7.68
C GLN E 6 -5.00 -3.61 6.26
N TRP E 7 -6.19 -4.09 5.92
CA TRP E 7 -6.71 -3.96 4.58
C TRP E 7 -8.18 -4.34 4.57
N GLY E 8 -8.88 -3.87 3.55
CA GLY E 8 -10.32 -4.09 3.46
C GLY E 8 -10.98 -3.08 2.54
N PRO E 9 -12.30 -3.25 2.32
CA PRO E 9 -13.16 -2.50 1.43
C PRO E 9 -12.73 -1.08 1.23
N GLY E 10 -13.23 -0.16 2.05
CA GLY E 10 -13.06 1.25 1.72
C GLY E 10 -14.35 1.86 1.18
N LEU E 11 -14.98 1.18 0.22
CA LEU E 11 -16.33 1.55 -0.17
C LEU E 11 -17.23 0.33 -0.20
N LEU E 12 -18.41 0.47 0.38
CA LEU E 12 -19.43 -0.56 0.28
C LEU E 12 -20.78 -0.03 0.69
N LYS E 13 -21.83 -0.71 0.24
CA LYS E 13 -23.20 -0.19 0.23
C LYS E 13 -23.99 -0.65 1.44
N PRO E 14 -24.99 0.15 1.86
CA PRO E 14 -25.87 -0.14 3.00
C PRO E 14 -26.44 -1.56 2.97
N SER E 15 -26.73 -2.12 4.15
CA SER E 15 -27.16 -3.51 4.36
C SER E 15 -26.06 -4.59 4.18
N GLU E 16 -25.03 -4.30 3.40
CA GLU E 16 -23.96 -5.28 3.13
C GLU E 16 -23.14 -5.71 4.36
N THR E 17 -22.14 -6.56 4.13
CA THR E 17 -21.25 -7.03 5.20
C THR E 17 -19.84 -6.46 5.07
N LEU E 18 -19.38 -5.81 6.12
CA LEU E 18 -18.02 -5.30 6.18
C LEU E 18 -17.09 -6.36 6.73
N SER E 19 -16.03 -6.64 5.97
CA SER E 19 -14.98 -7.49 6.48
C SER E 19 -13.66 -6.75 6.42
N LEU E 20 -13.03 -6.61 7.58
CA LEU E 20 -11.72 -6.00 7.70
C LEU E 20 -10.73 -7.07 8.06
N THR E 21 -9.47 -6.86 7.72
CA THR E 21 -8.46 -7.85 8.08
C THR E 21 -7.13 -7.22 8.53
N CYS E 22 -6.69 -7.58 9.75
CA CYS E 22 -5.42 -7.14 10.32
C CYS E 22 -4.40 -8.29 10.36
N ALA E 23 -3.14 -7.98 10.09
CA ALA E 23 -2.07 -8.97 10.07
C ALA E 23 -1.00 -8.56 11.08
N VAL E 24 -0.45 -9.53 11.81
CA VAL E 24 0.58 -9.25 12.80
C VAL E 24 1.96 -9.65 12.32
N TYR E 25 2.89 -8.70 12.29
CA TYR E 25 4.24 -8.97 11.79
C TYR E 25 5.22 -8.87 12.94
N GLY E 26 6.20 -9.78 12.95
CA GLY E 26 7.21 -9.82 13.99
C GLY E 26 6.64 -9.94 15.38
N GLY E 27 5.66 -10.81 15.54
CA GLY E 27 4.98 -11.01 16.81
C GLY E 27 4.23 -12.32 16.88
N SER E 28 3.31 -12.44 17.83
CA SER E 28 2.42 -13.60 17.94
C SER E 28 1.25 -13.32 18.88
N PHE E 29 0.22 -14.14 18.80
CA PHE E 29 -1.04 -13.83 19.49
C PHE E 29 -1.00 -13.94 21.02
N GLY E 30 0.17 -14.30 21.56
CA GLY E 30 0.29 -14.81 22.92
C GLY E 30 -0.45 -14.13 24.06
N ARG E 31 -1.73 -14.48 24.20
CA ARG E 31 -2.55 -14.02 25.33
C ARG E 31 -2.76 -12.52 25.32
N TYR E 32 -2.44 -11.87 24.19
CA TYR E 32 -2.85 -10.48 23.96
C TYR E 32 -4.29 -10.42 23.54
N TYR E 33 -4.95 -9.32 23.89
CA TYR E 33 -6.27 -9.02 23.32
C TYR E 33 -6.14 -8.31 21.96
N TRP E 34 -6.47 -8.98 20.85
CA TRP E 34 -6.43 -8.33 19.54
C TRP E 34 -7.74 -7.62 19.24
N SER E 35 -7.68 -6.29 19.30
CA SER E 35 -8.88 -5.48 19.33
C SER E 35 -9.20 -4.83 17.99
N TRP E 36 -10.37 -4.20 17.91
CA TRP E 36 -10.84 -3.44 16.75
C TRP E 36 -11.47 -2.16 17.20
N ILE E 37 -11.02 -1.02 16.67
CA ILE E 37 -11.50 0.29 17.15
C ILE E 37 -11.70 1.27 16.00
N ARG E 38 -12.80 2.02 16.03
CA ARG E 38 -13.10 2.99 14.96
C ARG E 38 -13.34 4.38 15.47
N GLN E 39 -13.27 5.37 14.58
CA GLN E 39 -13.80 6.70 14.90
C GLN E 39 -14.34 7.41 13.68
N SER E 40 -15.53 7.95 13.85
CA SER E 40 -16.18 8.77 12.84
C SER E 40 -15.51 10.13 12.78
N SER E 41 -15.62 10.84 11.66
CA SER E 41 -14.82 12.05 11.49
C SER E 41 -15.25 13.09 12.50
N GLY E 42 -14.26 13.63 13.23
CA GLY E 42 -14.55 14.60 14.28
C GLY E 42 -15.48 14.01 15.32
N GLU E 43 -15.17 12.78 15.72
CA GLU E 43 -16.02 12.06 16.64
C GLU E 43 -15.17 11.28 17.62
N GLY E 44 -15.83 10.58 18.53
CA GLY E 44 -15.12 9.85 19.56
C GLY E 44 -14.50 8.58 19.00
N LEU E 45 -13.73 7.90 19.85
CA LEU E 45 -13.25 6.56 19.53
C LEU E 45 -14.32 5.55 19.96
N GLU E 46 -14.40 4.39 19.32
CA GLU E 46 -15.36 3.37 19.77
C GLU E 46 -14.70 2.00 19.77
N TRP E 47 -14.73 1.34 20.92
CA TRP E 47 -14.12 0.03 21.05
C TRP E 47 -15.10 -0.99 20.47
N LEU E 48 -14.70 -1.66 19.41
CA LEU E 48 -15.63 -2.56 18.77
C LEU E 48 -15.60 -3.92 19.46
N GLY E 49 -14.42 -4.48 19.63
CA GLY E 49 -14.30 -5.76 20.31
C GLY E 49 -12.87 -6.25 20.36
N GLN E 50 -12.70 -7.51 20.75
CA GLN E 50 -11.38 -8.10 20.85
C GLN E 50 -11.41 -9.63 20.78
N ILE E 51 -10.26 -10.21 20.49
CA ILE E 51 -10.13 -11.65 20.44
C ILE E 51 -8.73 -12.03 20.95
N ASP E 52 -8.60 -13.24 21.50
CA ASP E 52 -7.27 -13.78 21.84
C ASP E 52 -7.07 -15.15 21.20
N HIS E 53 -5.88 -15.74 21.35
CA HIS E 53 -5.53 -16.96 20.59
C HIS E 53 -6.52 -18.09 20.82
N THR E 54 -7.13 -18.08 22.00
CA THR E 54 -8.19 -19.02 22.35
C THR E 54 -9.35 -18.93 21.39
N GLY E 55 -9.74 -17.69 21.12
CA GLY E 55 -10.77 -17.41 20.12
C GLY E 55 -11.94 -16.78 20.82
N SER E 56 -11.77 -16.57 22.12
CA SER E 56 -12.82 -16.01 22.96
C SER E 56 -13.02 -14.56 22.57
N THR E 57 -14.25 -14.19 22.30
CA THR E 57 -14.47 -12.84 21.86
C THR E 57 -15.24 -12.08 22.91
N THR E 58 -15.10 -10.78 22.88
CA THR E 58 -15.94 -9.87 23.66
C THR E 58 -16.29 -8.75 22.72
N TYR E 59 -17.56 -8.36 22.66
CA TYR E 59 -17.98 -7.37 21.69
C TYR E 59 -18.65 -6.20 22.36
N ASN E 60 -18.69 -5.06 21.68
CA ASN E 60 -19.37 -3.90 22.23
C ASN E 60 -20.87 -4.08 22.10
N PRO E 61 -21.58 -4.11 23.24
CA PRO E 61 -23.03 -4.25 23.24
C PRO E 61 -23.73 -3.24 22.34
N SER E 62 -23.26 -2.00 22.30
CA SER E 62 -23.92 -0.94 21.52
C SER E 62 -23.97 -1.23 20.00
N LEU E 63 -23.90 -2.51 19.64
CA LEU E 63 -23.70 -2.94 18.25
C LEU E 63 -24.66 -4.02 17.75
N LYS E 64 -25.77 -4.26 18.47
CA LYS E 64 -26.56 -5.48 18.29
C LYS E 64 -25.59 -6.62 18.46
N GLY E 65 -25.75 -7.68 17.70
CA GLY E 65 -24.75 -8.72 17.65
C GLY E 65 -23.99 -8.57 16.35
N ARG E 66 -24.15 -7.41 15.71
CA ARG E 66 -23.68 -7.19 14.33
C ARG E 66 -22.17 -7.34 14.14
N VAL E 67 -21.42 -7.28 15.23
CA VAL E 67 -19.98 -7.36 15.15
C VAL E 67 -19.51 -8.78 15.43
N THR E 68 -18.44 -9.17 14.76
CA THR E 68 -17.88 -10.51 14.85
C THR E 68 -16.40 -10.45 14.56
N ILE E 69 -15.62 -11.18 15.36
CA ILE E 69 -14.17 -11.17 15.19
C ILE E 69 -13.67 -12.59 15.10
N SER E 70 -12.63 -12.81 14.32
CA SER E 70 -12.15 -14.15 14.10
C SER E 70 -10.64 -14.12 14.08
N ILE E 71 -10.02 -15.25 14.35
CA ILE E 71 -8.57 -15.23 14.40
C ILE E 71 -8.08 -16.46 13.68
N ASP E 72 -6.93 -16.32 13.04
CA ASP E 72 -6.49 -17.26 12.03
C ASP E 72 -5.05 -17.70 12.24
N SER E 73 -4.85 -18.64 13.15
CA SER E 73 -3.53 -19.08 13.62
C SER E 73 -2.48 -19.22 12.51
N SER E 74 -2.99 -19.47 11.31
CA SER E 74 -2.23 -19.93 10.15
C SER E 74 -1.44 -18.86 9.42
N THR E 75 -1.87 -17.61 9.55
CA THR E 75 -1.34 -16.55 8.73
C THR E 75 -1.07 -15.36 9.60
N ASN E 76 -1.28 -15.56 10.90
CA ASN E 76 -1.06 -14.55 11.94
C ASN E 76 -1.99 -13.37 11.86
N GLN E 77 -3.21 -13.59 11.36
CA GLN E 77 -4.14 -12.49 11.13
C GLN E 77 -5.40 -12.65 11.95
N PHE E 78 -6.12 -11.55 12.13
CA PHE E 78 -7.44 -11.59 12.72
C PHE E 78 -8.34 -10.60 11.99
N SER E 79 -9.65 -10.64 12.26
CA SER E 79 -10.61 -10.07 11.32
C SER E 79 -11.93 -9.55 11.89
N LEU E 80 -12.29 -8.34 11.47
CA LEU E 80 -13.55 -7.69 11.85
C LEU E 80 -14.64 -7.99 10.83
N LYS E 81 -15.85 -8.15 11.31
CA LYS E 81 -16.91 -8.57 10.45
C LYS E 81 -18.18 -7.91 10.92
N VAL E 82 -18.42 -6.70 10.45
CA VAL E 82 -19.63 -5.96 10.81
C VAL E 82 -20.77 -6.24 9.83
N THR E 83 -21.86 -6.75 10.40
CA THR E 83 -22.99 -7.25 9.65
C THR E 83 -24.08 -6.18 9.50
N SER E 84 -24.84 -6.26 8.41
CA SER E 84 -25.99 -5.37 8.19
C SER E 84 -25.57 -3.90 8.19
N VAL E 85 -24.50 -3.60 7.47
CA VAL E 85 -23.89 -2.27 7.41
C VAL E 85 -24.89 -1.16 7.20
N ILE E 86 -24.73 -0.04 7.90
CA ILE E 86 -25.50 1.17 7.57
C ILE E 86 -24.52 2.33 7.36
N ALA E 87 -25.03 3.56 7.22
CA ALA E 87 -24.20 4.71 6.89
C ALA E 87 -23.42 5.25 8.08
N ALA E 88 -24.05 5.22 9.25
CA ALA E 88 -23.42 5.72 10.48
C ALA E 88 -22.15 4.94 10.83
N ASP E 89 -22.03 3.73 10.29
CA ASP E 89 -20.79 2.98 10.40
C ASP E 89 -19.68 3.45 9.46
N THR E 90 -19.76 4.68 8.96
CA THR E 90 -18.68 5.24 8.15
C THR E 90 -17.61 5.78 9.08
N ALA E 91 -16.40 5.22 9.01
CA ALA E 91 -15.33 5.63 9.94
C ALA E 91 -13.94 5.15 9.53
N VAL E 92 -12.91 5.69 10.19
CA VAL E 92 -11.60 5.08 10.13
C VAL E 92 -11.60 3.88 11.09
N TYR E 93 -11.00 2.76 10.68
CA TYR E 93 -11.16 1.50 11.41
C TYR E 93 -9.84 0.90 11.80
N TYR E 94 -9.58 0.85 13.10
CA TYR E 94 -8.29 0.40 13.61
C TYR E 94 -8.29 -0.96 14.25
N CYS E 95 -7.35 -1.79 13.82
CA CYS E 95 -7.00 -2.97 14.60
C CYS E 95 -5.87 -2.59 15.56
N ALA E 96 -5.89 -3.16 16.75
CA ALA E 96 -4.84 -2.87 17.73
C ALA E 96 -4.79 -3.91 18.82
N ARG E 97 -3.62 -4.11 19.41
CA ARG E 97 -3.48 -5.03 20.55
C ARG E 97 -3.33 -4.34 21.92
N ALA E 98 -3.84 -5.02 22.93
CA ALA E 98 -3.60 -4.67 24.33
C ALA E 98 -3.08 -5.91 25.06
N PRO E 99 -1.96 -5.77 25.79
CA PRO E 99 -1.48 -6.86 26.65
C PRO E 99 -2.45 -7.06 27.80
N SER E 100 -2.66 -8.34 28.12
CA SER E 100 -3.65 -8.79 29.08
C SER E 100 -3.02 -9.16 30.41
N GLY E 101 -1.71 -8.92 30.50
CA GLY E 101 -0.96 -9.28 31.67
C GLY E 101 -0.76 -10.78 31.68
N TYR E 102 -0.99 -11.36 32.85
CA TYR E 102 -0.60 -12.74 33.16
C TYR E 102 -1.33 -13.20 34.43
N PRO E 103 -2.10 -14.30 34.32
CA PRO E 103 -2.90 -14.81 35.44
C PRO E 103 -2.07 -14.97 36.73
N GLY E 104 -2.63 -14.52 37.85
CA GLY E 104 -1.90 -14.48 39.10
C GLY E 104 -0.91 -13.33 39.09
N VAL E 105 0.26 -13.57 38.49
CA VAL E 105 1.35 -12.59 38.46
C VAL E 105 0.96 -11.13 38.19
N SER E 106 0.23 -10.87 37.11
CA SER E 106 0.03 -9.49 36.70
C SER E 106 -0.94 -8.77 37.61
N LEU E 107 -0.62 -7.50 37.88
CA LEU E 107 -1.48 -6.67 38.66
C LEU E 107 -2.84 -6.51 37.96
N TYR E 108 -2.81 -6.27 36.64
CA TYR E 108 -4.01 -6.01 35.82
C TYR E 108 -4.29 -7.06 34.74
N GLN E 109 -5.43 -6.91 34.07
CA GLN E 109 -5.79 -7.81 32.96
C GLN E 109 -5.83 -7.08 31.62
N TYR E 110 -5.43 -5.81 31.65
CA TYR E 110 -5.43 -4.93 30.49
C TYR E 110 -4.29 -3.94 30.63
N TYR E 111 -3.47 -3.78 29.62
CA TYR E 111 -2.37 -2.86 29.78
C TYR E 111 -2.38 -1.73 28.74
N GLY E 112 -3.54 -1.53 28.13
CA GLY E 112 -3.73 -0.51 27.11
C GLY E 112 -3.42 -0.88 25.66
N LEU E 113 -4.20 -0.31 24.74
CA LEU E 113 -3.90 -0.36 23.31
C LEU E 113 -2.50 0.19 23.01
N ASP E 114 -1.52 -0.69 22.81
CA ASP E 114 -0.13 -0.26 22.78
C ASP E 114 0.52 -0.38 21.41
N VAL E 115 -0.11 -1.17 20.54
CA VAL E 115 0.32 -1.23 19.13
C VAL E 115 -0.90 -1.01 18.24
N TRP E 116 -0.81 -0.12 17.26
CA TRP E 116 -1.97 0.10 16.38
C TRP E 116 -1.72 -0.15 14.90
N GLY E 117 -2.79 -0.40 14.18
CA GLY E 117 -2.72 -0.49 12.73
C GLY E 117 -2.77 0.88 12.08
N GLN E 118 -2.36 0.97 10.81
CA GLN E 118 -2.29 2.26 10.12
C GLN E 118 -3.66 2.87 10.07
N GLY E 119 -4.68 2.03 9.89
CA GLY E 119 -6.05 2.48 9.79
C GLY E 119 -6.61 2.20 8.41
N THR E 120 -7.91 1.94 8.33
CA THR E 120 -8.52 1.74 7.03
C THR E 120 -9.81 2.55 6.95
N THR E 121 -9.83 3.55 6.07
CA THR E 121 -11.05 4.33 5.93
C THR E 121 -12.05 3.56 5.11
N VAL E 122 -13.27 3.52 5.63
CA VAL E 122 -14.36 2.79 5.02
C VAL E 122 -15.53 3.73 4.93
N THR E 123 -16.03 3.91 3.71
CA THR E 123 -17.18 4.78 3.45
C THR E 123 -18.40 3.93 3.18
N VAL E 124 -19.58 4.42 3.58
CA VAL E 124 -20.80 3.70 3.28
C VAL E 124 -21.81 4.63 2.68
N SER E 125 -22.13 4.34 1.42
CA SER E 125 -23.15 5.07 0.66
C SER E 125 -23.62 4.18 -0.45
N SER E 126 -24.66 4.64 -1.13
CA SER E 126 -25.17 3.96 -2.30
C SER E 126 -24.34 4.38 -3.50
N ALA E 127 -23.69 5.53 -3.38
CA ALA E 127 -22.83 6.08 -4.42
C ALA E 127 -21.79 5.09 -4.88
N SER E 128 -21.25 5.34 -6.05
CA SER E 128 -20.27 4.45 -6.64
C SER E 128 -18.95 5.20 -6.73
N THR E 129 -17.92 4.49 -7.15
CA THR E 129 -16.58 5.06 -7.16
C THR E 129 -16.24 5.90 -8.38
N LYS E 130 -15.65 7.06 -8.15
CA LYS E 130 -15.01 7.79 -9.24
C LYS E 130 -13.55 8.07 -8.93
N GLY E 131 -12.67 7.82 -9.91
CA GLY E 131 -11.26 8.18 -9.77
C GLY E 131 -11.13 9.68 -9.81
N PRO E 132 -9.91 10.20 -9.65
CA PRO E 132 -9.75 11.65 -9.69
C PRO E 132 -9.17 12.15 -11.02
N SER E 133 -9.28 13.46 -11.28
CA SER E 133 -8.48 14.09 -12.33
C SER E 133 -7.41 14.94 -11.67
N VAL E 134 -6.21 14.92 -12.23
CA VAL E 134 -5.04 15.48 -11.56
C VAL E 134 -4.35 16.52 -12.42
N PHE E 135 -4.59 17.79 -12.14
CA PHE E 135 -4.02 18.88 -12.94
C PHE E 135 -2.89 19.60 -12.23
N PRO E 136 -1.85 19.99 -12.97
CA PRO E 136 -0.72 20.63 -12.32
C PRO E 136 -1.04 22.01 -11.77
N LEU E 137 -0.13 22.50 -10.94
CA LEU E 137 -0.11 23.90 -10.52
C LEU E 137 1.30 24.42 -10.76
N ALA E 138 1.46 25.18 -11.84
CA ALA E 138 2.75 25.72 -12.26
C ALA E 138 3.27 26.68 -11.21
N PRO E 139 4.60 26.84 -11.12
CA PRO E 139 5.17 27.91 -10.29
C PRO E 139 4.71 29.31 -10.74
N SER E 140 5.63 30.17 -11.15
CA SER E 140 5.21 31.48 -11.65
C SER E 140 6.30 32.20 -12.44
N SER E 141 5.89 33.25 -13.15
CA SER E 141 6.81 34.17 -13.82
C SER E 141 7.80 34.78 -12.80
N LYS E 142 7.27 35.50 -11.82
CA LYS E 142 8.08 36.06 -10.73
C LYS E 142 8.59 34.97 -9.77
N SER E 143 9.16 35.38 -8.63
CA SER E 143 9.55 34.45 -7.56
C SER E 143 9.86 35.14 -6.20
N THR E 144 10.77 36.11 -6.13
CA THR E 144 11.53 36.67 -7.26
C THR E 144 13.02 36.34 -7.12
N SER E 145 13.77 37.25 -6.49
CA SER E 145 15.20 37.06 -6.23
C SER E 145 15.41 36.10 -5.04
N GLY E 146 16.27 35.11 -5.22
CA GLY E 146 16.52 34.12 -4.19
C GLY E 146 15.51 33.00 -4.26
N GLY E 147 15.55 32.08 -3.29
CA GLY E 147 14.69 30.92 -3.30
C GLY E 147 13.38 31.06 -2.53
N THR E 148 12.25 30.99 -3.25
CA THR E 148 10.91 31.13 -2.67
C THR E 148 9.79 30.82 -3.66
N ALA E 149 9.60 29.54 -4.01
CA ALA E 149 8.65 29.20 -5.05
C ALA E 149 7.68 28.08 -4.69
N ALA E 150 6.46 28.16 -5.20
CA ALA E 150 5.34 27.28 -4.82
C ALA E 150 4.65 26.55 -6.02
N LEU E 151 4.70 25.22 -6.05
CA LEU E 151 4.03 24.42 -7.10
C LEU E 151 3.16 23.30 -6.54
N GLY E 152 2.23 22.76 -7.31
CA GLY E 152 1.30 21.77 -6.75
C GLY E 152 0.53 20.81 -7.65
N CYS E 153 -0.54 20.24 -7.09
CA CYS E 153 -1.41 19.31 -7.80
C CYS E 153 -2.83 19.47 -7.33
N LEU E 154 -3.76 19.60 -8.24
CA LEU E 154 -5.14 19.59 -7.83
C LEU E 154 -5.71 18.22 -8.10
N VAL E 155 -6.25 17.55 -7.10
CA VAL E 155 -6.98 16.33 -7.41
C VAL E 155 -8.47 16.65 -7.34
N LYS E 156 -9.14 16.49 -8.48
CA LYS E 156 -10.54 16.88 -8.56
C LYS E 156 -11.49 15.71 -8.76
N ASP E 157 -12.66 15.85 -8.13
CA ASP E 157 -13.81 14.94 -8.24
C ASP E 157 -13.50 13.46 -8.18
N TYR E 158 -13.49 12.90 -6.97
CA TYR E 158 -13.30 11.46 -6.82
C TYR E 158 -14.17 10.98 -5.66
N PHE E 159 -14.27 9.67 -5.53
CA PHE E 159 -15.03 9.07 -4.45
C PHE E 159 -14.58 7.61 -4.28
N PRO E 160 -14.50 7.13 -3.02
CA PRO E 160 -14.73 8.02 -1.90
C PRO E 160 -13.41 8.57 -1.46
N GLU E 161 -13.44 9.15 -0.26
CA GLU E 161 -12.26 9.46 0.52
C GLU E 161 -11.59 8.11 0.89
N PRO E 162 -10.24 8.01 0.78
CA PRO E 162 -9.14 8.97 0.70
C PRO E 162 -8.27 8.92 -0.57
N VAL E 163 -7.50 9.98 -0.79
CA VAL E 163 -6.48 9.97 -1.84
C VAL E 163 -5.10 10.13 -1.20
N THR E 164 -4.03 9.72 -1.91
CA THR E 164 -2.68 9.70 -1.32
C THR E 164 -1.63 10.43 -2.17
N VAL E 165 -1.14 11.55 -1.69
CA VAL E 165 -0.22 12.32 -2.50
C VAL E 165 1.19 12.33 -1.94
N SER E 166 2.15 11.95 -2.76
CA SER E 166 3.54 12.15 -2.37
C SER E 166 4.21 12.97 -3.45
N TRP E 167 5.43 13.37 -3.22
CA TRP E 167 6.15 14.12 -4.21
C TRP E 167 7.48 13.44 -4.42
N ASN E 168 7.85 13.22 -5.67
CA ASN E 168 9.06 12.47 -6.00
C ASN E 168 9.11 11.12 -5.30
N SER E 169 8.00 10.39 -5.40
CA SER E 169 7.86 9.06 -4.81
C SER E 169 8.30 9.03 -3.35
N GLY E 170 8.20 10.19 -2.70
CA GLY E 170 8.58 10.32 -1.30
C GLY E 170 9.98 10.85 -1.09
N ALA E 171 10.68 11.13 -2.19
CA ALA E 171 12.02 11.70 -2.10
C ALA E 171 11.96 13.16 -1.66
N LEU E 172 10.99 13.89 -2.21
CA LEU E 172 10.71 15.27 -1.79
C LEU E 172 9.63 15.30 -0.71
N THR E 173 9.97 15.88 0.44
CA THR E 173 9.13 15.74 1.63
C THR E 173 8.91 17.02 2.46
N SER E 174 9.96 17.83 2.60
CA SER E 174 9.86 19.03 3.43
C SER E 174 9.17 20.15 2.69
N GLY E 175 8.23 20.78 3.38
CA GLY E 175 7.53 21.91 2.81
C GLY E 175 6.37 21.47 1.96
N VAL E 176 5.98 20.22 2.12
CA VAL E 176 4.80 19.71 1.43
C VAL E 176 3.55 19.95 2.27
N HIS E 177 2.50 20.50 1.69
CA HIS E 177 1.27 20.61 2.45
C HIS E 177 0.13 19.98 1.67
N THR E 178 -0.31 18.78 2.09
CA THR E 178 -1.49 18.17 1.46
C THR E 178 -2.74 18.55 2.24
N PHE E 179 -3.65 19.20 1.58
CA PHE E 179 -4.77 19.75 2.30
C PHE E 179 -5.84 18.72 2.54
N PRO E 180 -6.62 18.90 3.60
CA PRO E 180 -7.77 18.03 3.77
C PRO E 180 -8.75 18.12 2.60
N ALA E 181 -9.26 16.95 2.25
CA ALA E 181 -10.19 16.83 1.15
C ALA E 181 -11.42 17.67 1.42
N VAL E 182 -11.96 18.24 0.35
CA VAL E 182 -13.15 19.06 0.42
C VAL E 182 -14.30 18.44 -0.34
N LEU E 183 -15.49 18.51 0.25
CA LEU E 183 -16.69 18.03 -0.41
C LEU E 183 -17.36 19.09 -1.29
N GLN E 184 -17.50 18.76 -2.56
CA GLN E 184 -18.17 19.63 -3.50
C GLN E 184 -19.65 19.32 -3.55
N SER E 185 -20.42 20.17 -4.23
CA SER E 185 -21.87 20.00 -4.31
C SER E 185 -22.22 18.78 -5.15
N SER E 186 -21.32 18.43 -6.07
CA SER E 186 -21.42 17.18 -6.82
C SER E 186 -21.34 15.95 -5.92
N GLY E 187 -21.02 16.17 -4.64
CA GLY E 187 -20.79 15.07 -3.72
C GLY E 187 -19.50 14.36 -4.07
N LEU E 188 -18.56 15.09 -4.65
CA LEU E 188 -17.30 14.54 -5.09
C LEU E 188 -16.12 15.28 -4.47
N TYR E 189 -15.30 14.55 -3.73
CA TYR E 189 -14.17 15.13 -3.02
C TYR E 189 -13.15 15.75 -3.96
N SER E 190 -12.51 16.83 -3.51
CA SER E 190 -11.33 17.32 -4.21
C SER E 190 -10.37 18.03 -3.24
N LEU E 191 -9.07 17.82 -3.43
CA LEU E 191 -8.06 18.53 -2.64
C LEU E 191 -6.84 18.79 -3.48
N SER E 192 -5.85 19.42 -2.85
CA SER E 192 -4.70 19.87 -3.59
C SER E 192 -3.47 19.81 -2.73
N SER E 193 -2.36 19.40 -3.31
CA SER E 193 -1.12 19.28 -2.54
C SER E 193 -0.10 20.24 -3.12
N VAL E 194 0.53 21.01 -2.24
CA VAL E 194 1.48 22.03 -2.66
C VAL E 194 2.84 21.85 -2.04
N VAL E 195 3.84 22.52 -2.59
CA VAL E 195 5.19 22.35 -2.09
C VAL E 195 5.94 23.66 -2.16
N THR E 196 6.73 23.91 -1.12
CA THR E 196 7.65 25.03 -1.06
C THR E 196 9.02 24.57 -1.52
N VAL E 197 9.56 25.26 -2.52
CA VAL E 197 10.85 24.89 -3.12
C VAL E 197 11.62 26.15 -3.55
N PRO E 198 12.94 26.17 -3.32
CA PRO E 198 13.76 27.32 -3.72
C PRO E 198 13.68 27.56 -5.23
N SER E 199 13.77 28.82 -5.65
CA SER E 199 13.63 29.16 -7.06
C SER E 199 14.75 28.57 -7.92
N SER E 200 15.86 28.19 -7.27
CA SER E 200 16.92 27.44 -7.94
C SER E 200 16.41 26.08 -8.42
N SER E 201 15.49 26.10 -9.39
CA SER E 201 14.90 24.88 -9.90
C SER E 201 14.51 25.02 -11.37
N LEU E 202 13.28 25.50 -11.61
CA LEU E 202 12.70 25.63 -12.97
C LEU E 202 12.97 24.37 -13.81
N GLY E 203 14.23 24.16 -14.16
CA GLY E 203 14.61 23.03 -15.00
C GLY E 203 15.41 21.97 -14.28
N THR E 204 16.36 22.38 -13.44
CA THR E 204 17.33 21.44 -12.85
C THR E 204 16.64 20.31 -12.08
N GLN E 205 15.88 20.64 -11.03
CA GLN E 205 15.15 19.64 -10.27
C GLN E 205 13.73 19.51 -10.84
N THR E 206 13.28 18.27 -10.95
CA THR E 206 11.97 17.99 -11.50
C THR E 206 11.03 17.48 -10.40
N TYR E 207 9.84 18.07 -10.34
CA TYR E 207 8.92 17.78 -9.26
C TYR E 207 7.67 17.07 -9.77
N ILE E 208 7.48 15.83 -9.32
CA ILE E 208 6.28 15.07 -9.66
C ILE E 208 5.51 14.73 -8.40
N CYS E 209 4.21 14.96 -8.44
CA CYS E 209 3.34 14.44 -7.42
C CYS E 209 2.88 13.07 -7.86
N ASN E 210 3.02 12.08 -7.00
CA ASN E 210 2.36 10.80 -7.20
C ASN E 210 1.07 10.79 -6.42
N VAL E 211 -0.02 10.46 -7.08
CA VAL E 211 -1.28 10.34 -6.39
C VAL E 211 -1.90 9.00 -6.68
N ASN E 212 -2.55 8.45 -5.67
CA ASN E 212 -3.12 7.10 -5.70
C ASN E 212 -4.48 7.14 -5.04
N HIS E 213 -5.53 6.72 -5.74
CA HIS E 213 -6.86 6.64 -5.16
C HIS E 213 -7.28 5.19 -5.20
N LYS E 214 -6.78 4.41 -4.25
CA LYS E 214 -7.05 2.97 -4.16
C LYS E 214 -8.46 2.52 -4.58
N PRO E 215 -9.55 3.08 -3.99
CA PRO E 215 -10.87 2.46 -4.22
C PRO E 215 -11.32 2.39 -5.66
N SER E 216 -10.51 2.93 -6.58
CA SER E 216 -10.82 2.92 -8.00
C SER E 216 -9.57 2.67 -8.81
N ASN E 217 -8.62 1.95 -8.21
CA ASN E 217 -7.36 1.56 -8.86
C ASN E 217 -6.75 2.68 -9.73
N THR E 218 -6.76 3.89 -9.19
CA THR E 218 -6.15 5.02 -9.87
C THR E 218 -4.73 5.30 -9.37
N LYS E 219 -3.82 5.54 -10.31
CA LYS E 219 -2.48 5.99 -9.95
C LYS E 219 -1.91 6.90 -11.04
N VAL E 220 -1.82 8.19 -10.75
CA VAL E 220 -1.31 9.20 -11.68
C VAL E 220 0.01 9.75 -11.15
N ASP E 221 0.92 10.07 -12.06
CA ASP E 221 2.20 10.63 -11.67
C ASP E 221 2.46 11.98 -12.31
N LYS E 222 1.50 12.90 -12.21
CA LYS E 222 1.59 14.14 -12.96
C LYS E 222 2.85 14.96 -12.68
N LYS E 223 3.44 15.45 -13.76
CA LYS E 223 4.68 16.20 -13.72
C LYS E 223 4.34 17.69 -13.77
N VAL E 224 4.89 18.43 -12.82
CA VAL E 224 4.61 19.85 -12.68
C VAL E 224 5.80 20.70 -13.13
N GLU E 225 5.54 21.56 -14.11
CA GLU E 225 6.60 22.32 -14.75
C GLU E 225 6.18 23.76 -15.01
N PRO E 226 7.15 24.65 -15.18
CA PRO E 226 6.90 26.03 -15.61
C PRO E 226 6.04 26.12 -16.87
N THR F 3 -1.76 18.96 46.89
CA THR F 3 -1.62 17.59 47.37
C THR F 3 -0.32 16.96 46.87
N PHE F 4 0.49 16.44 47.79
CA PHE F 4 1.70 15.69 47.42
C PHE F 4 1.45 14.19 47.52
N LYS F 5 2.18 13.42 46.72
CA LYS F 5 2.20 11.98 46.89
C LYS F 5 3.53 11.61 47.54
N LEU F 6 3.59 10.44 48.17
CA LEU F 6 4.82 9.93 48.76
C LEU F 6 4.97 8.45 48.45
N ALA F 7 5.93 8.11 47.59
CA ALA F 7 6.14 6.74 47.20
C ALA F 7 7.27 6.09 48.00
N ALA F 8 6.95 4.97 48.64
CA ALA F 8 7.93 4.16 49.32
C ALA F 8 8.06 2.83 48.57
N CYS F 9 9.03 2.75 47.68
CA CYS F 9 9.13 1.64 46.75
C CYS F 9 10.14 0.60 47.16
N VAL F 10 9.66 -0.54 47.64
CA VAL F 10 10.55 -1.65 47.95
C VAL F 10 11.30 -2.01 46.67
N THR F 11 12.62 -2.05 46.75
CA THR F 11 13.44 -2.36 45.59
C THR F 11 13.22 -3.82 45.21
N LEU F 12 13.43 -4.17 43.95
CA LEU F 12 13.39 -5.55 43.51
C LEU F 12 14.68 -5.91 42.78
N ASN F 13 15.13 -7.15 42.99
CA ASN F 13 16.30 -7.69 42.30
C ASN F 13 15.82 -8.54 41.15
N CYS F 14 16.03 -8.11 39.92
CA CYS F 14 15.42 -8.81 38.81
C CYS F 14 16.42 -9.30 37.78
N THR F 15 15.98 -10.31 37.03
CA THR F 15 16.79 -10.90 35.98
C THR F 15 15.90 -11.69 35.01
N ASN F 21 14.26 -16.18 22.22
CA ASN F 21 14.33 -17.39 23.03
C ASN F 21 13.71 -17.17 24.41
N GLU F 22 13.36 -18.26 25.08
CA GLU F 22 12.61 -18.27 26.35
C GLU F 22 11.18 -17.71 26.16
N SER F 23 10.82 -17.46 24.91
CA SER F 23 9.48 -17.00 24.49
C SER F 23 8.99 -15.71 25.17
N GLU F 24 9.93 -14.90 25.66
CA GLU F 24 9.66 -13.63 26.36
C GLU F 24 8.79 -13.79 27.61
N THR F 25 7.49 -13.97 27.38
CA THR F 25 6.46 -14.14 28.42
C THR F 25 6.31 -12.92 29.34
N ARG F 26 7.09 -11.87 29.09
CA ARG F 26 7.01 -10.62 29.83
C ARG F 26 7.17 -10.76 31.34
N VAL F 27 7.61 -11.93 31.81
CA VAL F 27 7.69 -12.19 33.25
C VAL F 27 9.10 -12.13 33.75
N LYS F 28 9.31 -11.34 34.80
CA LYS F 28 10.63 -11.27 35.41
C LYS F 28 10.70 -11.91 36.81
N HIS F 29 11.74 -12.72 37.02
CA HIS F 29 11.95 -13.36 38.32
C HIS F 29 12.76 -12.44 39.21
N CYS F 30 12.14 -12.10 40.33
CA CYS F 30 12.66 -11.03 41.18
C CYS F 30 12.80 -11.43 42.66
N SER F 31 13.70 -10.73 43.35
CA SER F 31 13.92 -10.93 44.77
C SER F 31 13.92 -9.60 45.53
N PHE F 32 13.31 -9.62 46.71
CA PHE F 32 13.27 -8.46 47.57
C PHE F 32 13.20 -8.93 49.03
N ASN F 33 13.07 -7.99 49.97
CA ASN F 33 13.09 -8.34 51.39
C ASN F 33 11.71 -8.26 52.05
N ILE F 34 11.53 -7.32 52.99
CA ILE F 34 10.32 -7.18 53.84
C ILE F 34 10.10 -8.44 54.72
N THR F 35 9.92 -8.24 56.02
CA THR F 35 9.87 -9.37 56.96
C THR F 35 8.69 -9.36 57.96
N THR F 36 7.50 -8.99 57.47
CA THR F 36 6.28 -9.01 58.27
C THR F 36 5.86 -10.46 58.58
N LYS F 42 14.73 -10.67 58.54
CA LYS F 42 15.72 -10.43 57.49
C LYS F 42 15.67 -11.51 56.39
N GLN F 43 14.49 -11.79 55.83
CA GLN F 43 14.37 -12.88 54.84
C GLN F 43 14.18 -12.40 53.38
N LYS F 44 15.22 -12.67 52.59
CA LYS F 44 15.27 -12.36 51.16
C LYS F 44 14.47 -13.38 50.36
N VAL F 45 13.27 -12.96 49.97
CA VAL F 45 12.28 -13.77 49.28
C VAL F 45 12.40 -13.75 47.73
N ASN F 46 11.74 -14.69 47.07
CA ASN F 46 11.53 -14.64 45.63
C ASN F 46 10.07 -14.42 45.26
N ALA F 47 9.84 -13.49 44.34
CA ALA F 47 8.53 -13.41 43.65
C ALA F 47 8.75 -13.42 42.16
N THR F 48 7.68 -13.75 41.45
CA THR F 48 7.68 -13.73 39.99
C THR F 48 6.84 -12.53 39.52
N PHE F 49 7.39 -11.68 38.64
CA PHE F 49 6.74 -10.39 38.29
C PHE F 49 6.42 -10.10 36.79
N TYR F 50 5.32 -9.39 36.53
CA TYR F 50 4.93 -8.95 35.16
C TYR F 50 5.61 -7.65 34.70
N ASP F 51 6.37 -7.69 33.61
CA ASP F 51 7.33 -6.61 33.33
C ASP F 51 6.69 -5.25 32.96
N LEU F 52 5.38 -5.23 32.79
CA LEU F 52 4.65 -3.97 32.69
C LEU F 52 4.14 -3.55 34.06
N ASP F 53 4.50 -4.31 35.09
CA ASP F 53 4.07 -3.93 36.44
C ASP F 53 5.23 -3.31 37.17
N ILE F 54 6.43 -3.36 36.58
CA ILE F 54 7.63 -2.83 37.22
C ILE F 54 8.48 -1.88 36.37
N VAL F 55 9.04 -0.87 37.01
CA VAL F 55 9.85 0.15 36.36
C VAL F 55 11.33 0.09 36.75
N PRO F 56 12.22 -0.04 35.75
CA PRO F 56 13.66 -0.16 36.03
C PRO F 56 14.30 1.12 36.59
N LEU F 57 15.58 1.03 36.97
CA LEU F 57 16.32 2.14 37.56
C LEU F 57 17.83 2.02 37.35
N SER F 67 20.36 -6.22 38.24
CA SER F 67 19.48 -5.24 37.62
C SER F 67 18.33 -4.83 38.56
N LEU F 68 18.31 -3.57 38.97
CA LEU F 68 17.39 -3.06 40.00
C LEU F 68 16.12 -2.37 39.45
N TYR F 69 14.97 -2.67 40.06
CA TYR F 69 13.67 -2.18 39.57
C TYR F 69 12.77 -1.66 40.69
N ARG F 70 11.95 -0.67 40.41
CA ARG F 70 10.93 -0.24 41.38
C ARG F 70 9.54 -0.62 40.87
N LEU F 71 8.71 -1.13 41.76
CA LEU F 71 7.35 -1.51 41.39
C LEU F 71 6.60 -0.28 40.89
N ILE F 72 5.61 -0.49 40.01
CA ILE F 72 4.72 0.57 39.53
C ILE F 72 3.65 0.86 40.57
N SER F 73 3.44 2.15 40.84
CA SER F 73 2.56 2.60 41.91
C SER F 73 3.09 2.17 43.28
N CYS F 74 3.02 3.06 44.24
CA CYS F 74 3.51 2.71 45.57
C CYS F 74 2.46 2.92 46.65
N GLN F 75 2.83 2.50 47.86
CA GLN F 75 2.02 2.76 49.05
C GLN F 75 2.01 4.26 49.31
N THR F 76 1.09 4.96 48.66
CA THR F 76 1.10 6.42 48.66
C THR F 76 -0.17 7.05 49.26
N THR F 77 -0.12 7.37 50.56
CA THR F 77 -1.12 8.20 51.22
C THR F 77 -0.38 9.28 52.00
N THR F 78 -0.87 10.51 51.95
CA THR F 78 -0.03 11.66 52.33
C THR F 78 -0.69 12.80 53.11
N THR F 79 0.04 13.91 53.12
CA THR F 79 -0.40 15.19 53.66
C THR F 79 -0.68 16.16 52.52
N GLU F 80 -1.27 17.31 52.82
CA GLU F 80 -1.55 18.31 51.80
C GLU F 80 -0.95 19.66 52.20
N ALA F 81 0.31 19.88 51.80
CA ALA F 81 1.08 21.00 52.29
C ALA F 81 0.98 22.23 51.39
N VAL F 82 1.74 23.26 51.74
CA VAL F 82 1.68 24.57 51.08
C VAL F 82 2.56 24.62 49.82
N ASP F 83 3.71 23.96 49.87
CA ASP F 83 4.61 23.87 48.73
C ASP F 83 5.64 22.77 48.95
N ALA F 87 6.74 20.42 53.47
CA ALA F 87 6.41 19.02 53.27
C ALA F 87 7.67 18.17 53.15
N ALA F 88 8.67 18.68 52.42
CA ALA F 88 9.90 17.95 52.11
C ALA F 88 10.52 17.31 53.34
N LYS F 89 10.53 18.08 54.44
CA LYS F 89 11.09 17.62 55.69
C LYS F 89 10.00 17.09 56.63
N VAL F 90 8.75 17.53 56.41
CA VAL F 90 7.60 16.95 57.12
C VAL F 90 7.48 15.47 56.74
N PHE F 91 7.92 15.16 55.52
CA PHE F 91 8.05 13.79 55.07
C PHE F 91 9.28 13.15 55.69
N LYS F 92 10.40 13.86 55.69
CA LYS F 92 11.60 13.41 56.39
C LYS F 92 11.29 13.18 57.85
N GLN F 93 10.40 14.02 58.40
CA GLN F 93 9.93 13.88 59.77
C GLN F 93 9.05 12.64 59.91
N TYR F 94 8.12 12.47 58.98
CA TYR F 94 7.23 11.31 59.02
C TYR F 94 7.98 10.02 58.64
N ALA F 95 9.04 10.14 57.85
CA ALA F 95 9.79 8.97 57.40
C ALA F 95 10.60 8.33 58.52
N ASN F 96 10.96 9.13 59.52
CA ASN F 96 11.72 8.64 60.66
C ASN F 96 10.84 7.96 61.71
N ASP F 97 9.53 7.94 61.47
CA ASP F 97 8.56 7.38 62.41
C ASP F 97 7.99 6.01 61.97
N ASN F 98 8.44 5.51 60.82
CA ASN F 98 7.86 4.29 60.27
C ASN F 98 8.89 3.28 59.74
N GLY F 99 10.15 3.69 59.64
CA GLY F 99 11.21 2.81 59.17
C GLY F 99 11.51 3.03 57.70
N ILE F 100 11.89 4.26 57.35
CA ILE F 100 11.98 4.68 55.96
C ILE F 100 13.35 5.28 55.62
N ASP F 101 14.07 4.59 54.73
CA ASP F 101 15.43 4.97 54.32
C ASP F 101 15.80 4.28 53.00
N GLY F 102 15.87 5.04 51.89
CA GLY F 102 15.66 6.48 51.85
C GLY F 102 16.98 7.27 51.98
N GLU F 103 17.77 7.48 50.91
CA GLU F 103 17.48 7.34 49.47
C GLU F 103 16.34 8.25 49.00
N TRP F 104 16.64 9.55 49.01
CA TRP F 104 15.68 10.59 48.67
C TRP F 104 16.02 11.28 47.36
N THR F 105 15.07 11.29 46.42
CA THR F 105 15.23 12.03 45.17
C THR F 105 13.88 12.55 44.70
N TYR F 106 13.87 13.72 44.06
CA TYR F 106 12.64 14.45 43.74
C TYR F 106 12.89 15.63 42.80
N ASP F 107 12.03 15.79 41.79
CA ASP F 107 12.10 16.95 40.91
C ASP F 107 10.73 17.63 40.80
N ASP F 108 9.95 17.29 39.78
CA ASP F 108 8.64 17.91 39.58
C ASP F 108 7.77 17.27 38.47
N ALA F 109 6.58 16.80 38.85
CA ALA F 109 5.56 16.32 37.92
C ALA F 109 4.22 17.01 38.22
N THR F 110 3.40 16.38 39.06
CA THR F 110 2.30 17.06 39.72
C THR F 110 2.65 17.09 41.23
N LYS F 111 3.94 16.78 41.50
CA LYS F 111 4.66 16.95 42.79
C LYS F 111 4.70 15.67 43.69
N THR F 112 5.61 14.74 43.36
CA THR F 112 5.66 13.41 44.02
C THR F 112 7.05 13.00 44.57
N PHE F 113 7.09 12.54 45.82
CA PHE F 113 8.32 12.17 46.52
C PHE F 113 8.61 10.66 46.54
N THR F 114 9.60 10.19 45.77
CA THR F 114 9.91 8.76 45.77
C THR F 114 11.06 8.37 46.70
N VAL F 115 10.81 7.40 47.55
CA VAL F 115 11.83 6.85 48.43
C VAL F 115 11.90 5.34 48.22
N THR F 116 13.12 4.84 48.05
CA THR F 116 13.34 3.43 47.74
C THR F 116 14.00 2.68 48.91
N GLU F 117 13.65 1.41 49.05
CA GLU F 117 14.04 0.59 50.20
C GLU F 117 14.83 -0.66 49.78
N GLY F 118 16.16 -0.59 49.81
CA GLY F 118 16.88 0.61 50.22
C GLY F 118 18.11 0.30 51.05
C1 NAG G . -25.38 9.18 -32.83
C2 NAG G . -26.63 9.76 -32.12
C3 NAG G . -26.54 11.29 -32.07
C4 NAG G . -25.19 11.75 -31.51
C5 NAG G . -24.04 11.08 -32.27
C6 NAG G . -22.67 11.41 -31.71
C7 NAG G . -28.63 8.34 -32.36
C8 NAG G . -29.85 8.06 -33.20
N2 NAG G . -27.85 9.34 -32.80
O3 NAG G . -27.60 11.82 -31.28
O4 NAG G . -25.07 13.17 -31.61
O5 NAG G . -24.20 9.66 -32.19
O6 NAG G . -21.64 10.80 -32.47
O7 NAG G . -28.36 7.69 -31.36
C1 NAG H . -26.82 5.76 -40.49
C2 NAG H . -27.84 6.74 -41.08
C3 NAG H . -27.42 8.19 -40.78
C4 NAG H . -27.07 8.37 -39.31
C5 NAG H . -26.13 7.26 -38.83
C6 NAG H . -25.89 7.29 -37.33
C7 NAG H . -29.15 6.30 -43.10
C8 NAG H . -30.36 6.30 -42.21
N2 NAG H . -27.98 6.53 -42.51
O3 NAG H . -28.51 9.05 -41.11
O4 NAG H . -26.46 9.64 -39.14
O5 NAG H . -26.69 5.98 -39.12
O6 NAG H . -25.66 5.97 -36.84
O7 NAG H . -29.23 6.08 -44.30
C1 NAG I . -33.75 3.85 -29.79
C2 NAG I . -34.95 4.24 -28.96
C3 NAG I . -34.94 5.73 -28.67
C4 NAG I . -33.62 6.12 -28.01
C5 NAG I . -32.41 5.57 -28.75
C6 NAG I . -31.16 5.61 -27.90
C7 NAG I . -37.10 3.05 -29.02
C8 NAG I . -38.35 2.76 -29.80
N2 NAG I . -36.21 3.85 -29.60
O3 NAG I . -36.02 6.08 -27.82
O4 NAG I . -33.54 7.55 -27.95
O5 NAG I . -32.57 4.18 -29.09
O6 NAG I . -30.99 4.38 -27.21
O7 NAG I . -36.91 2.55 -27.90
C1 NAG J . 20.90 -9.13 43.65
C2 NAG J . 21.52 -10.42 43.08
C3 NAG J . 23.05 -10.31 43.10
C4 NAG J . 23.51 -9.06 42.37
C5 NAG J . 22.80 -7.82 42.95
C6 NAG J . 23.11 -6.55 42.18
C7 NAG J . 21.28 -12.84 43.45
C8 NAG J . 20.77 -13.92 44.38
N2 NAG J . 21.09 -11.59 43.86
O3 NAG J . 23.64 -11.46 42.48
O4 NAG J . 24.91 -8.91 42.51
O5 NAG J . 21.38 -7.99 42.90
O6 NAG J . 21.97 -6.08 41.46
O7 NAG J . 21.84 -13.11 42.40
C1 NAG K . 17.92 -7.34 51.93
C2 NAG K . 18.54 -6.60 50.73
C3 NAG K . 19.99 -6.22 51.04
C4 NAG K . 20.07 -5.33 52.26
C5 NAG K . 19.35 -5.97 53.45
C6 NAG K . 18.20 -5.15 53.97
C7 NAG K . 17.82 -7.02 48.42
C8 NAG K . 17.85 -8.00 47.27
N2 NAG K . 18.46 -7.41 49.53
O3 NAG K . 20.54 -5.55 49.91
O4 NAG K . 21.42 -5.08 52.61
O5 NAG K . 18.85 -7.28 53.10
O6 NAG K . 17.58 -5.77 55.09
O7 NAG K . 17.23 -5.95 48.34
C1 NAG L . 15.33 -17.75 44.73
C2 NAG L . 15.53 -18.89 45.70
C3 NAG L . 16.99 -19.35 45.66
C4 NAG L . 17.33 -19.79 44.24
C5 NAG L . 17.02 -18.66 43.23
C6 NAG L . 17.13 -19.11 41.79
C7 NAG L . 14.18 -19.15 47.71
C8 NAG L . 13.89 -18.64 49.10
N2 NAG L . 15.15 -18.54 47.05
O3 NAG L . 17.20 -20.42 46.55
O4 NAG L . 18.70 -20.18 44.17
O5 NAG L . 15.68 -18.16 43.40
O6 NAG L . 16.01 -19.89 41.40
O7 NAG L . 13.55 -20.09 47.21
#